data_2Z71
#
_entry.id   2Z71
#
_cell.length_a   129.730
_cell.length_b   158.890
_cell.length_c   90.742
_cell.angle_alpha   90.00
_cell.angle_beta   90.00
_cell.angle_gamma   90.00
#
_symmetry.space_group_name_H-M   'C 2 2 21'
#
loop_
_entity.id
_entity.type
_entity.pdbx_description
1 polymer 'Penicillin acylase'
2 non-polymer '(2S,5R,6R)-3,3-DIMETHYL-7-OXO-6-(2-PHENOXYACETAMIDO)-4-THIA-1- AZABICYCLO(3.2.0)HEPTANE-2-CARBOXYLIC ACID'
3 water water
#
_entity_poly.entity_id   1
_entity_poly.type   'polypeptide(L)'
_entity_poly.pdbx_seq_one_letter_code
;GSSLSIRTTDDKSLFARTMDFTMEPDSKVIIVPRNYGIRLLEKENVVINNSYAFVGMGSTDITSPVLYDGVNEKGLMGAM
LYYATFATYADEPKKGTRGINPVYVISQVLGNCVTVDDVIEKLTSYTLLNEANIILGFAPPLHYTFTDASGESIVIEPDK
TGITIHRKTIGVMTNSPGYEWHQTNLRAYIGVTPNPPQDIMMGDLDLTPFGQGAGGLGLPGDFTPSARFLRVAYWKKYTE
KAKNETEGVTNLFHILSSVNIPKGVVLTNEGKTDYTIYTSAMCAQSKNYYFKLYDNSRISAVSLMAENLNSQDLITFEWD
RKQDIKQLNQVNVMS
;
_entity_poly.pdbx_strand_id   A,C
#
# COMPACT_ATOMS: atom_id res chain seq x y z
N GLY A 1 -0.90 -11.94 9.14
CA GLY A 1 -1.58 -10.66 8.93
C GLY A 1 -1.15 -9.67 9.88
N SER A 2 -1.72 -8.50 9.84
CA SER A 2 -1.28 -7.38 10.73
C SER A 2 -2.44 -6.50 11.06
N SER A 3 -2.49 -6.00 12.28
CA SER A 3 -3.61 -5.27 12.69
C SER A 3 -3.21 -4.11 13.47
N LEU A 4 -4.15 -3.16 13.64
CA LEU A 4 -3.95 -1.97 14.59
C LEU A 4 -5.27 -1.16 14.88
N SER A 5 -5.31 -0.54 15.98
CA SER A 5 -6.33 0.34 16.29
C SER A 5 -5.74 1.76 16.28
N ILE A 6 -6.55 2.73 15.85
CA ILE A 6 -6.25 4.14 16.08
C ILE A 6 -7.42 4.94 16.77
N ARG A 7 -7.07 6.14 17.24
CA ARG A 7 -8.00 6.98 17.97
C ARG A 7 -8.21 8.25 17.20
N THR A 8 -9.42 8.42 16.68
CA THR A 8 -9.82 9.68 15.97
C THR A 8 -9.79 10.82 16.90
N THR A 9 -9.65 12.00 16.39
CA THR A 9 -9.66 13.20 17.29
C THR A 9 -11.10 13.74 17.69
N ASP A 10 -12.20 13.14 17.09
CA ASP A 10 -13.53 13.44 17.51
C ASP A 10 -14.15 12.30 18.39
N ASP A 11 -13.35 11.76 19.26
CA ASP A 11 -13.80 10.71 20.26
C ASP A 11 -14.26 9.34 19.63
N LYS A 12 -13.58 8.89 18.59
CA LYS A 12 -14.03 7.70 17.78
C LYS A 12 -12.86 6.61 17.61
N SER A 13 -13.09 5.39 18.01
CA SER A 13 -12.02 4.37 17.92
C SER A 13 -12.17 3.43 16.70
N LEU A 14 -11.10 3.27 15.97
CA LEU A 14 -11.13 2.41 14.83
C LEU A 14 -10.04 1.36 14.87
N PHE A 15 -10.36 0.19 14.31
CA PHE A 15 -9.46 -0.97 14.25
C PHE A 15 -9.46 -1.53 12.88
N ALA A 16 -8.26 -1.78 12.36
CA ALA A 16 -8.08 -2.38 10.95
C ALA A 16 -7.18 -3.68 10.97
N ARG A 17 -7.44 -4.60 10.03
CA ARG A 17 -6.60 -5.81 9.91
C ARG A 17 -6.32 -6.23 8.49
N THR A 18 -5.10 -6.51 8.22
CA THR A 18 -4.68 -7.22 7.01
C THR A 18 -4.83 -8.75 7.22
N MET A 19 -5.54 -9.41 6.31
CA MET A 19 -5.56 -10.97 6.29
C MET A 19 -4.60 -11.44 5.33
N ASP A 20 -3.61 -12.21 5.79
CA ASP A 20 -2.60 -12.82 4.85
C ASP A 20 -2.75 -14.30 4.81
N PHE A 21 -3.13 -14.82 3.67
CA PHE A 21 -3.22 -16.28 3.52
C PHE A 21 -2.72 -16.82 2.21
N THR A 22 -2.70 -18.17 2.14
CA THR A 22 -2.09 -18.89 1.04
C THR A 22 -3.17 -19.37 0.08
N MET A 23 -4.07 -18.43 -0.19
CA MET A 23 -5.19 -18.78 -1.03
C MET A 23 -6.49 -18.79 -0.22
N GLU A 24 -7.35 -17.86 -0.64
CA GLU A 24 -8.58 -17.63 0.06
C GLU A 24 -9.76 -17.98 -0.87
N PRO A 25 -10.38 -19.16 -0.66
CA PRO A 25 -11.74 -19.34 -1.09
C PRO A 25 -12.68 -18.75 -0.07
N ASP A 26 -13.79 -18.23 -0.63
CA ASP A 26 -14.95 -17.85 0.17
C ASP A 26 -14.66 -16.75 1.18
N SER A 27 -15.68 -16.47 1.99
CA SER A 27 -15.56 -15.39 2.96
C SER A 27 -16.35 -14.18 2.51
N LYS A 28 -17.50 -14.01 3.18
CA LYS A 28 -18.27 -12.81 2.94
C LYS A 28 -18.27 -11.94 4.19
N VAL A 29 -18.92 -10.79 4.07
CA VAL A 29 -19.21 -10.04 5.27
C VAL A 29 -20.59 -10.44 5.81
N ILE A 30 -20.56 -10.91 7.09
CA ILE A 30 -21.74 -11.44 7.79
C ILE A 30 -22.11 -10.56 8.95
N ILE A 31 -23.31 -9.95 8.90
CA ILE A 31 -23.97 -9.45 10.12
C ILE A 31 -24.68 -10.57 10.74
N VAL A 32 -24.24 -10.97 11.91
CA VAL A 32 -24.95 -11.95 12.66
C VAL A 32 -25.81 -11.27 13.83
N PRO A 33 -27.14 -11.49 13.77
CA PRO A 33 -28.09 -10.78 14.61
C PRO A 33 -28.16 -11.38 15.92
N ARG A 34 -28.98 -10.77 16.83
CA ARG A 34 -29.14 -11.30 18.19
C ARG A 34 -29.86 -12.58 18.18
N ASN A 35 -29.61 -13.42 19.18
CA ASN A 35 -30.41 -14.66 19.40
C ASN A 35 -30.27 -15.76 18.27
N TYR A 36 -29.35 -15.55 17.34
CA TYR A 36 -28.76 -16.67 16.61
C TYR A 36 -27.96 -17.41 17.58
N GLY A 37 -27.80 -18.70 17.38
CA GLY A 37 -26.88 -19.46 18.23
C GLY A 37 -25.52 -19.49 17.63
N ILE A 38 -24.49 -19.33 18.48
CA ILE A 38 -23.14 -19.66 18.09
C ILE A 38 -22.64 -20.76 18.90
N ARG A 39 -22.30 -21.89 18.21
CA ARG A 39 -21.73 -23.08 18.88
C ARG A 39 -20.49 -22.73 19.60
N LEU A 40 -20.01 -23.67 20.40
CA LEU A 40 -18.74 -23.48 21.19
C LEU A 40 -17.69 -24.45 20.63
N LEU A 41 -18.08 -25.72 20.46
CA LEU A 41 -17.27 -26.67 19.75
C LEU A 41 -17.97 -27.10 18.57
N GLU A 42 -17.28 -27.92 17.75
CA GLU A 42 -17.84 -28.42 16.46
C GLU A 42 -18.30 -29.88 16.56
N LYS A 43 -17.58 -30.65 17.37
CA LYS A 43 -18.08 -32.02 17.40
C LYS A 43 -19.09 -32.23 18.54
N GLU A 44 -19.35 -31.19 19.35
CA GLU A 44 -20.33 -31.32 20.45
C GLU A 44 -21.26 -30.07 20.58
N ASN A 45 -22.33 -30.20 21.31
CA ASN A 45 -23.54 -29.51 20.93
C ASN A 45 -23.90 -28.10 21.57
N VAL A 46 -23.22 -27.75 22.67
CA VAL A 46 -23.55 -26.52 23.38
C VAL A 46 -23.45 -25.40 22.42
N VAL A 47 -24.43 -24.47 22.45
CA VAL A 47 -24.38 -23.32 21.59
C VAL A 47 -24.94 -22.04 22.28
N ILE A 48 -24.00 -21.17 22.71
CA ILE A 48 -24.32 -19.98 23.51
C ILE A 48 -25.18 -18.99 22.75
N ASN A 49 -26.16 -18.44 23.45
CA ASN A 49 -27.05 -17.41 22.83
C ASN A 49 -26.45 -15.98 22.91
N ASN A 50 -26.23 -15.36 21.77
CA ASN A 50 -25.57 -14.05 21.74
C ASN A 50 -26.50 -12.99 22.08
N SER A 51 -26.20 -12.27 23.19
CA SER A 51 -26.88 -11.00 23.51
C SER A 51 -26.77 -9.93 22.37
N TYR A 52 -25.59 -9.82 21.72
CA TYR A 52 -25.32 -8.68 20.81
C TYR A 52 -25.24 -9.08 19.31
N ALA A 53 -25.57 -8.09 18.39
CA ALA A 53 -25.32 -8.24 16.96
C ALA A 53 -24.00 -7.64 16.60
N PHE A 54 -23.30 -8.27 15.69
CA PHE A 54 -22.02 -7.80 15.24
C PHE A 54 -21.86 -8.03 13.78
N VAL A 55 -20.74 -7.60 13.21
CA VAL A 55 -20.52 -7.70 11.75
C VAL A 55 -19.06 -7.70 11.42
N GLY A 56 -18.69 -8.53 10.42
CA GLY A 56 -17.33 -8.62 10.01
C GLY A 56 -17.13 -9.56 8.86
N MET A 57 -15.90 -10.05 8.71
CA MET A 57 -15.55 -10.94 7.63
C MET A 57 -15.46 -12.29 8.19
N GLY A 58 -16.09 -13.25 7.54
CA GLY A 58 -16.08 -14.63 8.06
C GLY A 58 -16.47 -15.68 7.05
N SER A 59 -16.55 -16.93 7.54
CA SER A 59 -16.95 -18.03 6.74
C SER A 59 -18.37 -18.43 7.04
N THR A 60 -18.84 -19.47 6.36
CA THR A 60 -20.19 -19.86 6.45
C THR A 60 -20.30 -21.29 5.90
N ASP A 61 -19.25 -22.08 6.15
CA ASP A 61 -19.10 -23.35 5.53
C ASP A 61 -19.19 -24.48 6.53
N ILE A 62 -19.00 -24.17 7.84
CA ILE A 62 -19.10 -25.18 8.86
C ILE A 62 -20.51 -25.36 9.51
N THR A 63 -20.84 -24.57 10.57
CA THR A 63 -22.23 -24.59 11.09
C THR A 63 -22.65 -23.39 12.02
N SER A 64 -21.69 -22.82 12.69
CA SER A 64 -21.86 -21.50 13.27
C SER A 64 -20.98 -20.49 12.48
N PRO A 65 -21.44 -19.31 12.33
CA PRO A 65 -20.67 -18.24 11.68
C PRO A 65 -19.26 -18.08 12.28
N VAL A 66 -18.24 -18.11 11.39
CA VAL A 66 -16.85 -17.89 11.80
C VAL A 66 -16.49 -16.56 11.45
N LEU A 67 -15.99 -15.81 12.41
CA LEU A 67 -15.54 -14.38 12.09
C LEU A 67 -14.18 -14.13 12.42
N TYR A 68 -13.45 -13.48 11.49
CA TYR A 68 -12.08 -13.15 11.69
C TYR A 68 -11.94 -11.79 12.37
N ASP A 69 -12.79 -10.85 12.00
CA ASP A 69 -12.87 -9.55 12.71
C ASP A 69 -14.27 -9.12 12.76
N GLY A 70 -14.51 -8.01 13.46
CA GLY A 70 -15.86 -7.44 13.50
C GLY A 70 -16.07 -6.43 14.61
N VAL A 71 -17.24 -5.72 14.54
CA VAL A 71 -17.74 -4.85 15.65
C VAL A 71 -19.08 -5.35 16.04
N ASN A 72 -19.36 -5.43 17.34
CA ASN A 72 -20.78 -5.66 17.81
C ASN A 72 -21.44 -4.31 18.17
N GLU A 73 -22.75 -4.33 18.44
CA GLU A 73 -23.48 -3.09 18.52
C GLU A 73 -23.08 -2.23 19.69
N LYS A 74 -22.25 -2.75 20.56
CA LYS A 74 -21.85 -1.99 21.76
C LYS A 74 -20.38 -1.39 21.67
N GLY A 75 -19.76 -1.52 20.51
CA GLY A 75 -18.51 -0.79 20.21
C GLY A 75 -17.22 -1.60 20.50
N LEU A 76 -17.35 -2.92 20.65
CA LEU A 76 -16.19 -3.75 20.82
C LEU A 76 -15.80 -4.33 19.51
N MET A 77 -14.48 -4.23 19.19
CA MET A 77 -13.90 -4.71 17.90
C MET A 77 -12.84 -5.81 18.15
N GLY A 78 -12.66 -6.71 17.18
CA GLY A 78 -11.83 -7.90 17.43
C GLY A 78 -11.23 -8.58 16.17
N ALA A 79 -10.14 -9.32 16.37
CA ALA A 79 -9.53 -10.15 15.28
C ALA A 79 -8.83 -11.33 15.82
N MET A 80 -8.86 -12.40 15.05
CA MET A 80 -7.93 -13.49 15.22
C MET A 80 -6.90 -13.42 14.11
N LEU A 81 -5.63 -13.48 14.49
CA LEU A 81 -4.53 -13.49 13.50
C LEU A 81 -3.75 -14.76 13.69
N TYR A 82 -3.11 -15.22 12.65
CA TYR A 82 -2.26 -16.45 12.80
C TYR A 82 -1.31 -16.28 13.87
N TYR A 83 -0.60 -17.33 14.19
CA TYR A 83 0.21 -17.34 15.40
C TYR A 83 0.96 -18.67 15.48
N ALA A 84 1.80 -18.93 14.47
CA ALA A 84 2.37 -20.24 14.22
C ALA A 84 3.47 -20.62 15.20
N THR A 85 3.49 -21.89 15.57
CA THR A 85 4.49 -22.44 16.52
C THR A 85 4.44 -21.87 18.02
N PHE A 86 3.67 -20.86 18.26
CA PHE A 86 3.45 -20.41 19.67
C PHE A 86 2.02 -20.75 20.25
N ALA A 87 1.06 -20.94 19.35
CA ALA A 87 -0.27 -21.37 19.74
C ALA A 87 -0.23 -22.78 20.35
N THR A 88 -0.84 -22.92 21.57
CA THR A 88 -0.98 -24.18 22.24
C THR A 88 -2.42 -24.36 22.65
N TYR A 89 -2.93 -25.61 22.50
CA TYR A 89 -4.31 -25.92 22.78
C TYR A 89 -4.42 -27.13 23.70
N ALA A 90 -5.57 -27.29 24.34
CA ALA A 90 -5.80 -28.46 25.19
C ALA A 90 -6.52 -29.57 24.41
N ASP A 91 -6.51 -30.78 24.98
CA ASP A 91 -7.31 -31.88 24.46
C ASP A 91 -8.67 -31.85 25.10
N GLU A 92 -8.69 -31.66 26.43
CA GLU A 92 -9.93 -31.54 27.17
C GLU A 92 -9.90 -30.28 28.13
N PRO A 93 -11.06 -29.63 28.31
CA PRO A 93 -11.17 -28.46 29.19
C PRO A 93 -10.48 -28.65 30.54
N LYS A 94 -10.26 -27.54 31.25
CA LYS A 94 -9.81 -27.55 32.61
C LYS A 94 -10.95 -27.75 33.57
N LYS A 95 -10.65 -27.57 34.88
CA LYS A 95 -11.69 -27.50 35.94
C LYS A 95 -12.62 -26.25 35.73
N GLY A 96 -13.89 -26.40 36.05
CA GLY A 96 -14.86 -25.32 35.92
C GLY A 96 -14.69 -24.54 34.59
N THR A 97 -14.55 -25.27 33.47
CA THR A 97 -14.30 -24.65 32.20
C THR A 97 -14.99 -25.43 31.02
N ARG A 98 -15.72 -24.67 30.16
CA ARG A 98 -15.88 -25.65 29.13
C ARG A 98 -15.66 -25.00 27.79
N GLY A 99 -15.48 -26.07 26.95
CA GLY A 99 -14.51 -26.05 25.82
C GLY A 99 -14.91 -25.19 24.66
N ILE A 100 -13.88 -24.67 23.90
CA ILE A 100 -14.13 -23.78 22.78
C ILE A 100 -13.17 -24.02 21.60
N ASN A 101 -13.60 -23.63 20.41
CA ASN A 101 -12.78 -23.78 19.19
C ASN A 101 -12.09 -22.42 18.77
N PRO A 102 -10.81 -22.48 18.53
CA PRO A 102 -10.08 -21.33 18.10
C PRO A 102 -10.82 -20.53 17.08
N VAL A 103 -11.35 -21.19 16.05
CA VAL A 103 -12.05 -20.45 15.04
C VAL A 103 -13.34 -19.74 15.57
N TYR A 104 -13.83 -20.15 16.73
CA TYR A 104 -15.09 -19.59 17.23
C TYR A 104 -14.89 -18.42 18.23
N VAL A 105 -13.71 -18.24 18.68
CA VAL A 105 -13.46 -17.30 19.77
C VAL A 105 -14.09 -15.89 19.47
N ILE A 106 -13.81 -15.35 18.29
CA ILE A 106 -14.29 -14.01 17.90
C ILE A 106 -15.86 -13.90 17.88
N SER A 107 -16.50 -14.76 17.11
CA SER A 107 -17.95 -14.70 17.03
C SER A 107 -18.48 -14.60 18.43
N GLN A 108 -17.94 -15.42 19.29
CA GLN A 108 -18.53 -15.64 20.55
C GLN A 108 -18.27 -14.41 21.47
N VAL A 109 -17.04 -13.86 21.42
CA VAL A 109 -16.74 -12.67 22.22
C VAL A 109 -17.46 -11.44 21.71
N LEU A 110 -17.61 -11.34 20.43
CA LEU A 110 -18.24 -10.19 19.84
C LEU A 110 -19.82 -10.22 20.02
N GLY A 111 -20.35 -11.40 20.28
CA GLY A 111 -21.77 -11.55 20.44
C GLY A 111 -22.17 -11.37 21.88
N ASN A 112 -21.19 -11.46 22.78
CA ASN A 112 -21.49 -11.47 24.16
C ASN A 112 -20.83 -10.38 24.97
N CYS A 113 -19.75 -9.82 24.49
CA CYS A 113 -18.90 -8.97 25.34
C CYS A 113 -18.94 -7.45 24.91
N VAL A 114 -18.76 -6.55 25.89
CA VAL A 114 -18.73 -5.07 25.56
C VAL A 114 -17.43 -4.34 25.95
N THR A 115 -17.02 -4.49 27.17
CA THR A 115 -15.75 -3.92 27.63
C THR A 115 -14.64 -4.89 27.33
N VAL A 116 -13.41 -4.39 27.33
CA VAL A 116 -12.26 -5.19 27.09
C VAL A 116 -11.98 -6.16 28.32
N ASP A 117 -12.39 -5.72 29.51
CA ASP A 117 -12.31 -6.55 30.70
C ASP A 117 -13.23 -7.62 30.64
N ASP A 118 -14.35 -7.39 29.97
CA ASP A 118 -15.39 -8.41 29.80
C ASP A 118 -14.83 -9.62 29.05
N VAL A 119 -13.75 -9.39 28.35
CA VAL A 119 -13.21 -10.38 27.56
C VAL A 119 -12.20 -11.18 28.30
N ILE A 120 -11.55 -10.56 29.25
CA ILE A 120 -10.60 -11.27 30.09
C ILE A 120 -11.32 -12.22 31.02
N GLU A 121 -12.52 -11.84 31.45
CA GLU A 121 -13.32 -12.66 32.42
C GLU A 121 -13.97 -13.79 31.71
N LYS A 122 -14.63 -13.49 30.61
CA LYS A 122 -15.24 -14.49 29.78
C LYS A 122 -14.27 -15.61 29.48
N LEU A 123 -12.96 -15.27 29.40
CA LEU A 123 -11.94 -16.20 28.89
C LEU A 123 -11.12 -16.83 29.97
N THR A 124 -11.76 -17.09 31.04
CA THR A 124 -11.21 -17.93 32.05
C THR A 124 -12.28 -18.94 32.45
N SER A 125 -13.42 -18.87 31.75
CA SER A 125 -14.40 -19.94 31.72
C SER A 125 -14.30 -20.70 30.36
N TYR A 126 -13.18 -20.50 29.66
CA TYR A 126 -12.93 -21.14 28.40
C TYR A 126 -11.56 -21.84 28.41
N THR A 127 -11.51 -23.10 27.92
CA THR A 127 -10.26 -23.72 27.51
C THR A 127 -10.31 -24.04 26.07
N LEU A 128 -9.35 -23.50 25.29
CA LEU A 128 -9.29 -23.74 23.81
C LEU A 128 -8.89 -25.17 23.52
N LEU A 129 -9.40 -25.72 22.42
CA LEU A 129 -9.36 -27.15 22.20
C LEU A 129 -8.83 -27.51 20.82
N ASN A 130 -8.38 -28.75 20.68
CA ASN A 130 -7.66 -29.17 19.51
C ASN A 130 -8.49 -29.78 18.48
N GLU A 131 -9.50 -29.04 17.97
CA GLU A 131 -10.46 -29.55 16.96
C GLU A 131 -10.28 -28.98 15.52
N ALA A 132 -10.19 -29.93 14.53
CA ALA A 132 -9.83 -29.65 13.11
C ALA A 132 -11.06 -29.40 12.23
N ASN A 133 -11.42 -28.14 12.06
CA ASN A 133 -12.46 -27.76 11.14
C ASN A 133 -12.14 -28.11 9.64
N ILE A 134 -13.20 -28.33 8.84
CA ILE A 134 -13.07 -28.91 7.50
C ILE A 134 -12.61 -27.90 6.42
N ILE A 135 -12.78 -26.62 6.71
CA ILE A 135 -12.41 -25.59 5.78
C ILE A 135 -10.90 -25.42 5.69
N LEU A 136 -10.19 -25.93 6.70
CA LEU A 136 -8.69 -25.88 6.72
C LEU A 136 -8.08 -27.27 6.82
N GLY A 137 -8.55 -28.06 7.79
CA GLY A 137 -8.08 -29.42 7.98
C GLY A 137 -7.40 -29.61 9.32
N PHE A 138 -7.39 -28.55 10.13
CA PHE A 138 -6.60 -28.52 11.41
C PHE A 138 -6.87 -27.19 12.15
N ALA A 139 -6.30 -27.07 13.37
CA ALA A 139 -6.59 -25.88 14.24
C ALA A 139 -5.58 -24.85 14.02
N PRO A 140 -5.97 -23.80 13.39
CA PRO A 140 -5.04 -22.70 13.08
C PRO A 140 -4.49 -22.09 14.33
N PRO A 141 -3.20 -22.15 14.48
CA PRO A 141 -2.47 -21.41 15.57
C PRO A 141 -2.89 -19.96 15.56
N LEU A 142 -3.64 -19.55 16.54
CA LEU A 142 -4.28 -18.24 16.51
C LEU A 142 -3.89 -17.43 17.69
N HIS A 143 -4.05 -16.13 17.58
CA HIS A 143 -4.10 -15.29 18.77
C HIS A 143 -4.99 -14.14 18.53
N TYR A 144 -5.52 -13.57 19.57
CA TYR A 144 -6.66 -12.63 19.40
C TYR A 144 -6.33 -11.25 19.88
N THR A 145 -6.71 -10.27 19.10
CA THR A 145 -6.70 -8.89 19.60
C THR A 145 -8.11 -8.36 19.75
N PHE A 146 -8.32 -7.42 20.69
CA PHE A 146 -9.71 -6.79 20.91
C PHE A 146 -9.62 -5.33 21.35
N THR A 147 -10.68 -4.57 21.06
CA THR A 147 -10.67 -3.11 21.27
C THR A 147 -12.05 -2.60 21.43
N ASP A 148 -12.34 -2.07 22.60
CA ASP A 148 -13.70 -1.52 22.90
C ASP A 148 -13.76 -0.08 22.52
N ALA A 149 -14.93 0.53 22.71
CA ALA A 149 -15.21 1.88 22.22
C ALA A 149 -14.29 2.92 22.84
N SER A 150 -13.78 2.65 23.99
CA SER A 150 -12.96 3.61 24.70
C SER A 150 -11.54 3.69 24.09
N GLY A 151 -11.13 2.59 23.39
CA GLY A 151 -9.84 2.57 22.61
C GLY A 151 -8.74 1.84 23.34
N GLU A 152 -9.10 1.26 24.46
CA GLU A 152 -8.20 0.39 25.21
C GLU A 152 -8.10 -1.01 24.51
N SER A 153 -6.87 -1.44 24.20
CA SER A 153 -6.68 -2.65 23.41
C SER A 153 -6.21 -3.80 24.29
N ILE A 154 -6.49 -5.02 23.88
CA ILE A 154 -5.86 -6.16 24.52
C ILE A 154 -5.48 -7.28 23.58
N VAL A 155 -4.43 -7.94 23.89
CA VAL A 155 -4.00 -9.12 23.18
C VAL A 155 -4.15 -10.39 24.11
N ILE A 156 -4.84 -11.40 23.60
CA ILE A 156 -4.94 -12.71 24.25
C ILE A 156 -4.28 -13.68 23.38
N GLU A 157 -3.40 -14.48 23.96
CA GLU A 157 -2.63 -15.50 23.18
C GLU A 157 -2.60 -16.80 23.90
N PRO A 158 -2.75 -17.91 23.17
CA PRO A 158 -2.74 -19.24 23.76
C PRO A 158 -1.38 -19.88 23.80
N ASP A 159 -0.59 -19.56 24.83
CA ASP A 159 0.80 -20.13 24.96
C ASP A 159 0.74 -21.52 25.56
N LYS A 160 1.89 -22.14 25.76
CA LYS A 160 1.96 -23.48 26.31
C LYS A 160 1.97 -23.46 27.89
N THR A 161 2.36 -22.28 28.48
CA THR A 161 2.19 -22.00 29.89
C THR A 161 0.72 -21.84 30.23
N GLY A 162 -0.10 -21.53 29.19
CA GLY A 162 -1.52 -21.23 29.39
C GLY A 162 -1.88 -19.88 28.74
N ILE A 163 -3.18 -19.54 28.74
CA ILE A 163 -3.63 -18.35 28.10
C ILE A 163 -2.94 -17.08 28.69
N THR A 164 -2.31 -16.30 27.81
CA THR A 164 -1.61 -15.08 28.24
C THR A 164 -2.40 -13.80 27.84
N ILE A 165 -2.69 -12.96 28.85
CA ILE A 165 -3.40 -11.67 28.62
C ILE A 165 -2.45 -10.50 28.75
N HIS A 166 -2.55 -9.54 27.85
CA HIS A 166 -1.78 -8.25 28.01
C HIS A 166 -2.73 -7.10 27.98
N ARG A 167 -2.75 -6.35 29.09
CA ARG A 167 -3.61 -5.22 29.25
C ARG A 167 -2.98 -3.97 28.66
N LYS A 168 -3.83 -3.03 28.21
CA LYS A 168 -3.38 -1.68 27.80
C LYS A 168 -2.28 -1.73 26.83
N THR A 169 -2.36 -2.63 25.83
CA THR A 169 -1.28 -2.70 24.78
C THR A 169 -1.22 -1.39 23.96
N ILE A 170 -0.25 -1.31 23.03
CA ILE A 170 -0.09 -0.10 22.15
C ILE A 170 -1.05 -0.13 20.96
N GLY A 171 -1.91 -1.13 20.93
CA GLY A 171 -2.91 -1.24 19.88
C GLY A 171 -2.32 -1.62 18.59
N VAL A 172 -1.54 -2.72 18.58
CA VAL A 172 -0.91 -3.27 17.35
C VAL A 172 -0.66 -4.65 17.57
N MET A 173 -0.98 -5.47 16.60
CA MET A 173 -0.61 -6.92 16.67
C MET A 173 -0.48 -7.43 15.31
N THR A 174 0.53 -8.30 15.08
CA THR A 174 0.60 -9.11 13.82
C THR A 174 0.50 -10.47 14.09
N ASN A 175 1.65 -11.14 14.13
CA ASN A 175 1.74 -12.62 14.21
C ASN A 175 2.84 -13.05 15.19
N SER A 176 3.39 -14.27 15.03
CA SER A 176 4.42 -14.78 16.02
C SER A 176 5.66 -13.91 15.94
N PRO A 177 6.33 -13.73 17.06
CA PRO A 177 5.99 -14.44 18.28
C PRO A 177 5.11 -13.63 19.23
N GLY A 178 5.22 -13.95 20.54
CA GLY A 178 4.34 -13.37 21.59
C GLY A 178 4.37 -11.88 21.63
N TYR A 179 3.31 -11.29 22.10
CA TYR A 179 3.20 -9.87 22.12
C TYR A 179 4.29 -9.21 23.02
N GLU A 180 4.68 -9.91 24.02
CA GLU A 180 5.73 -9.42 24.97
C GLU A 180 6.98 -9.12 24.24
N TRP A 181 7.29 -9.98 23.22
CA TRP A 181 8.53 -9.97 22.56
C TRP A 181 8.58 -8.86 21.53
N HIS A 182 7.49 -8.69 20.79
CA HIS A 182 7.35 -7.57 19.86
C HIS A 182 7.42 -6.24 20.61
N GLN A 183 6.81 -6.18 21.81
CA GLN A 183 6.80 -4.95 22.54
C GLN A 183 8.14 -4.55 22.98
N THR A 184 9.01 -5.53 23.29
CA THR A 184 10.40 -5.17 23.65
C THR A 184 11.26 -5.01 22.48
N ASN A 185 10.90 -5.66 21.40
CA ASN A 185 11.63 -5.35 20.06
C ASN A 185 11.49 -3.85 19.67
N LEU A 186 10.33 -3.35 19.73
CA LEU A 186 10.09 -1.94 19.54
C LEU A 186 11.33 -1.00 19.98
N ARG A 187 11.97 -1.33 21.07
CA ARG A 187 13.03 -0.46 21.63
C ARG A 187 14.24 -0.41 20.76
N ALA A 188 14.52 -1.55 20.07
CA ALA A 188 15.66 -1.67 19.24
C ALA A 188 15.56 -0.69 18.04
N TYR A 189 14.38 -0.12 17.85
CA TYR A 189 14.10 0.55 16.69
C TYR A 189 13.60 1.99 16.96
N ILE A 190 13.82 2.51 18.19
CA ILE A 190 13.27 3.80 18.50
C ILE A 190 13.82 4.85 17.68
N GLY A 191 14.99 4.57 17.01
CA GLY A 191 15.72 5.61 16.24
C GLY A 191 15.08 5.91 14.91
N VAL A 192 14.22 4.97 14.47
CA VAL A 192 13.44 5.12 13.30
C VAL A 192 12.42 6.22 13.49
N THR A 193 12.72 7.45 12.87
CA THR A 193 11.77 8.68 12.95
C THR A 193 11.47 9.18 11.63
N PRO A 194 10.68 10.28 11.55
CA PRO A 194 10.40 10.96 10.27
C PRO A 194 11.47 11.96 9.90
N ASN A 195 12.43 12.19 10.80
CA ASN A 195 13.37 13.29 10.63
C ASN A 195 14.78 12.86 9.99
N PRO A 196 15.30 13.69 9.15
CA PRO A 196 16.54 13.42 8.48
C PRO A 196 17.63 13.45 9.44
N PRO A 197 18.58 12.54 9.31
CA PRO A 197 19.86 12.63 10.03
C PRO A 197 20.53 13.80 9.51
N GLN A 198 21.34 14.45 10.31
CA GLN A 198 21.97 15.67 9.85
C GLN A 198 23.31 15.45 9.19
N ASP A 199 23.69 16.39 8.31
CA ASP A 199 24.83 16.22 7.41
C ASP A 199 26.19 15.97 8.22
N ILE A 200 27.13 15.24 7.59
CA ILE A 200 28.41 15.00 8.18
C ILE A 200 29.52 15.28 7.18
N MET A 201 30.75 15.08 7.61
CA MET A 201 31.94 15.28 6.75
C MET A 201 32.88 14.08 6.94
N MET A 202 33.56 13.67 5.92
CA MET A 202 34.66 12.68 6.11
C MET A 202 35.98 13.18 5.60
N GLY A 203 36.71 13.89 6.45
CA GLY A 203 37.77 14.75 6.00
C GLY A 203 37.18 15.92 5.30
N ASP A 204 37.49 16.06 4.00
CA ASP A 204 37.09 17.21 3.21
C ASP A 204 35.73 17.01 2.55
N LEU A 205 35.43 15.77 2.19
CA LEU A 205 34.11 15.38 1.55
C LEU A 205 32.90 15.79 2.41
N ASP A 206 31.85 16.30 1.75
CA ASP A 206 30.60 16.60 2.42
C ASP A 206 29.64 15.57 2.15
N LEU A 207 28.91 15.13 3.19
CA LEU A 207 27.98 14.00 3.10
C LEU A 207 26.59 14.37 3.46
N THR A 208 25.73 14.33 2.51
CA THR A 208 24.34 14.63 2.73
C THR A 208 23.51 13.47 2.10
N PRO A 209 22.29 13.32 2.53
CA PRO A 209 21.48 12.18 2.14
C PRO A 209 21.04 12.22 0.70
N PHE A 210 20.63 11.02 0.14
CA PHE A 210 20.11 10.91 -1.29
C PHE A 210 18.87 11.73 -1.49
N GLY A 211 18.20 12.01 -0.41
CA GLY A 211 16.87 12.76 -0.47
C GLY A 211 16.09 12.47 0.81
N GLN A 212 14.86 12.70 0.77
CA GLN A 212 14.08 12.59 1.91
C GLN A 212 13.85 11.05 2.27
N GLY A 213 13.68 10.75 3.56
CA GLY A 213 13.29 9.42 3.98
C GLY A 213 14.25 8.70 4.98
N ALA A 214 15.39 9.33 5.29
CA ALA A 214 16.54 8.65 5.98
C ALA A 214 16.40 8.42 7.48
N GLY A 215 15.54 9.16 8.11
CA GLY A 215 15.19 8.90 9.50
C GLY A 215 14.70 7.52 9.71
N GLY A 216 14.33 6.87 8.65
CA GLY A 216 13.75 5.56 8.77
C GLY A 216 14.77 4.43 8.75
N LEU A 217 16.05 4.77 8.68
CA LEU A 217 17.09 3.76 8.47
C LEU A 217 17.06 2.84 9.57
N GLY A 218 16.91 1.55 9.24
CA GLY A 218 16.98 0.49 10.22
C GLY A 218 15.73 -0.33 10.14
N LEU A 219 14.66 0.32 9.83
CA LEU A 219 13.43 -0.34 9.68
C LEU A 219 13.56 -1.33 8.61
N PRO A 220 13.25 -2.59 8.93
CA PRO A 220 13.32 -3.70 7.96
C PRO A 220 12.13 -3.69 7.03
N GLY A 221 12.27 -4.29 5.89
CA GLY A 221 11.26 -4.14 4.85
C GLY A 221 10.61 -5.46 4.43
N ASP A 222 11.15 -6.54 4.89
CA ASP A 222 10.62 -7.83 4.62
C ASP A 222 9.19 -7.94 5.16
N PHE A 223 8.59 -9.12 5.02
CA PHE A 223 7.14 -9.30 5.37
C PHE A 223 6.98 -10.31 6.54
N THR A 224 8.08 -10.76 7.00
CA THR A 224 8.25 -11.32 8.33
C THR A 224 7.39 -10.60 9.35
N PRO A 225 6.76 -11.39 10.27
CA PRO A 225 5.86 -10.89 11.29
C PRO A 225 6.51 -9.89 12.18
N SER A 226 7.82 -10.08 12.44
CA SER A 226 8.56 -9.20 13.37
C SER A 226 8.73 -7.79 12.75
N ALA A 227 8.89 -7.74 11.48
CA ALA A 227 9.08 -6.49 10.75
C ALA A 227 7.76 -5.87 10.51
N ARG A 228 6.79 -6.71 10.15
CA ARG A 228 5.49 -6.28 9.95
C ARG A 228 4.93 -5.58 11.23
N PHE A 229 5.17 -6.16 12.35
CA PHE A 229 4.82 -5.51 13.61
C PHE A 229 5.53 -4.19 13.72
N LEU A 230 6.79 -4.14 13.24
CA LEU A 230 7.61 -2.99 13.47
C LEU A 230 7.12 -1.78 12.65
N ARG A 231 6.79 -2.03 11.39
CA ARG A 231 6.35 -0.99 10.48
C ARG A 231 4.97 -0.48 10.83
N VAL A 232 4.08 -1.38 11.19
CA VAL A 232 2.72 -1.03 11.58
C VAL A 232 2.71 -0.19 12.86
N ALA A 233 3.60 -0.56 13.80
CA ALA A 233 3.75 0.20 15.01
C ALA A 233 4.36 1.57 14.72
N TYR A 234 5.41 1.60 13.90
CA TYR A 234 6.17 2.78 13.73
C TYR A 234 5.46 3.87 12.84
N TRP A 235 4.63 3.42 11.91
CA TRP A 235 3.92 4.32 11.06
C TRP A 235 2.54 4.67 11.67
N LYS A 236 2.02 3.81 12.54
CA LYS A 236 0.97 4.24 13.44
C LYS A 236 1.46 5.48 14.34
N LYS A 237 2.66 5.38 14.86
CA LYS A 237 3.13 6.36 15.82
C LYS A 237 3.31 7.70 15.19
N TYR A 238 3.84 7.71 13.95
CA TYR A 238 4.20 9.00 13.31
C TYR A 238 3.16 9.51 12.29
N THR A 239 2.31 8.64 11.82
CA THR A 239 1.30 9.06 10.94
C THR A 239 0.40 10.13 11.61
N GLU A 240 -0.06 11.07 10.82
CA GLU A 240 -0.82 12.16 11.33
C GLU A 240 -2.14 11.70 11.87
N LYS A 241 -2.58 12.34 12.99
CA LYS A 241 -3.85 11.98 13.62
C LYS A 241 -4.95 12.18 12.72
N ALA A 242 -5.88 11.21 12.69
CA ALA A 242 -7.07 11.30 11.85
C ALA A 242 -8.10 12.10 12.53
N LYS A 243 -8.57 13.18 11.85
CA LYS A 243 -9.59 14.13 12.47
C LYS A 243 -11.00 13.56 12.44
N ASN A 244 -11.26 12.65 11.57
CA ASN A 244 -12.60 12.07 11.46
C ASN A 244 -12.59 10.58 11.01
N GLU A 245 -13.77 9.99 10.97
CA GLU A 245 -13.93 8.60 10.79
C GLU A 245 -13.54 8.16 9.41
N THR A 246 -13.81 8.98 8.41
CA THR A 246 -13.39 8.66 7.05
C THR A 246 -11.84 8.67 6.98
N GLU A 247 -11.25 9.70 7.55
CA GLU A 247 -9.80 9.84 7.59
C GLU A 247 -9.17 8.68 8.35
N GLY A 248 -9.95 8.04 9.16
CA GLY A 248 -9.44 6.98 10.00
C GLY A 248 -9.23 5.75 9.16
N VAL A 249 -10.19 5.48 8.30
CA VAL A 249 -10.11 4.36 7.45
C VAL A 249 -9.01 4.58 6.45
N THR A 250 -8.84 5.82 6.04
CA THR A 250 -7.85 6.14 5.05
C THR A 250 -6.47 5.92 5.63
N ASN A 251 -6.23 6.46 6.83
CA ASN A 251 -4.95 6.22 7.50
C ASN A 251 -4.73 4.73 7.71
N LEU A 252 -5.73 4.09 8.31
CA LEU A 252 -5.64 2.71 8.58
C LEU A 252 -5.28 1.86 7.29
N PHE A 253 -5.62 2.31 6.17
CA PHE A 253 -5.26 1.60 4.98
C PHE A 253 -3.92 2.03 4.40
N HIS A 254 -3.51 3.28 4.69
CA HIS A 254 -2.18 3.76 4.35
C HIS A 254 -1.08 3.12 5.24
N ILE A 255 -1.37 2.87 6.47
CA ILE A 255 -0.42 2.20 7.35
C ILE A 255 -0.32 0.67 7.04
N LEU A 256 -1.45 0.05 6.73
CA LEU A 256 -1.48 -1.34 6.49
C LEU A 256 -0.81 -1.64 5.23
N SER A 257 -0.80 -0.67 4.36
CA SER A 257 -0.27 -0.83 3.06
C SER A 257 1.24 -1.18 3.11
N SER A 258 1.99 -0.48 3.94
CA SER A 258 3.41 -0.80 4.16
C SER A 258 3.66 -2.27 4.43
N VAL A 259 2.62 -3.00 4.80
CA VAL A 259 2.74 -4.47 5.18
C VAL A 259 1.79 -5.37 4.34
N ASN A 260 1.15 -4.77 3.39
CA ASN A 260 0.35 -5.46 2.39
C ASN A 260 1.21 -6.25 1.45
N ILE A 261 0.95 -7.54 1.31
CA ILE A 261 1.89 -8.48 0.60
C ILE A 261 1.43 -8.83 -0.80
N PRO A 262 2.15 -8.40 -1.79
CA PRO A 262 1.83 -8.77 -3.24
C PRO A 262 1.88 -10.27 -3.53
N LYS A 263 1.13 -10.70 -4.54
CA LYS A 263 1.17 -12.13 -5.01
C LYS A 263 2.58 -12.52 -5.51
N GLY A 264 3.18 -13.54 -4.91
CA GLY A 264 4.40 -14.15 -5.48
C GLY A 264 5.71 -13.86 -4.70
N VAL A 265 5.74 -12.71 -3.93
CA VAL A 265 6.91 -12.28 -3.23
C VAL A 265 7.13 -13.03 -1.95
N VAL A 266 6.13 -13.73 -1.48
CA VAL A 266 6.33 -14.65 -0.35
C VAL A 266 5.84 -16.00 -0.68
N LEU A 267 6.74 -16.98 -0.68
CA LEU A 267 6.32 -18.39 -0.86
C LEU A 267 6.52 -19.19 0.37
N THR A 268 5.75 -20.28 0.50
CA THR A 268 5.94 -21.31 1.64
C THR A 268 6.86 -22.38 1.17
N ASN A 269 7.33 -23.20 2.06
CA ASN A 269 8.21 -24.28 1.65
C ASN A 269 7.51 -25.34 0.70
N GLU A 270 6.18 -25.39 0.72
CA GLU A 270 5.45 -26.17 -0.25
C GLU A 270 5.49 -25.53 -1.55
N GLY A 271 5.38 -24.18 -1.54
CA GLY A 271 5.56 -23.39 -2.77
C GLY A 271 4.36 -22.55 -3.18
N LYS A 272 3.39 -22.43 -2.30
CA LYS A 272 2.21 -21.57 -2.62
C LYS A 272 2.48 -20.16 -2.25
N THR A 273 1.80 -19.24 -2.93
CA THR A 273 1.90 -17.82 -2.61
C THR A 273 1.20 -17.51 -1.35
N ASP A 274 1.83 -16.67 -0.51
CA ASP A 274 1.14 -16.08 0.71
C ASP A 274 0.89 -14.56 0.46
N TYR A 275 -0.38 -14.17 0.34
CA TYR A 275 -0.70 -12.82 -0.02
C TYR A 275 -1.83 -12.22 0.79
N THR A 276 -1.97 -10.91 0.69
CA THR A 276 -3.00 -10.22 1.38
C THR A 276 -4.22 -10.32 0.64
N ILE A 277 -5.16 -11.13 1.15
CA ILE A 277 -6.43 -11.40 0.42
C ILE A 277 -7.47 -10.34 0.65
N TYR A 278 -7.39 -9.67 1.76
CA TYR A 278 -8.25 -8.51 2.01
C TYR A 278 -7.73 -7.71 3.14
N THR A 279 -8.30 -6.53 3.33
CA THR A 279 -7.95 -5.71 4.46
C THR A 279 -9.09 -4.81 4.86
N SER A 280 -9.44 -4.84 6.14
CA SER A 280 -10.64 -4.21 6.60
C SER A 280 -10.41 -3.24 7.76
N ALA A 281 -11.43 -2.39 8.01
CA ALA A 281 -11.44 -1.47 9.14
C ALA A 281 -12.86 -1.36 9.73
N MET A 282 -12.94 -1.15 11.03
CA MET A 282 -14.21 -1.08 11.70
C MET A 282 -14.21 0.10 12.66
N CYS A 283 -15.44 0.68 12.91
CA CYS A 283 -15.57 1.80 13.83
C CYS A 283 -16.47 1.47 15.04
N ALA A 284 -16.03 1.89 16.23
CA ALA A 284 -16.76 1.56 17.47
C ALA A 284 -18.06 2.31 17.56
N GLN A 285 -18.01 3.56 17.17
CA GLN A 285 -19.04 4.44 17.42
C GLN A 285 -20.17 4.35 16.40
N SER A 286 -19.83 4.17 15.13
CA SER A 286 -20.89 4.03 14.11
C SER A 286 -21.25 2.55 13.80
N LYS A 287 -20.43 1.64 14.34
CA LYS A 287 -20.55 0.24 14.03
C LYS A 287 -20.60 -0.02 12.55
N ASN A 288 -19.71 0.68 11.83
CA ASN A 288 -19.41 0.42 10.38
C ASN A 288 -18.27 -0.57 10.16
N TYR A 289 -18.40 -1.36 9.09
CA TYR A 289 -17.35 -2.25 8.64
C TYR A 289 -17.05 -1.90 7.31
N TYR A 290 -15.74 -1.60 7.04
CA TYR A 290 -15.24 -1.20 5.72
C TYR A 290 -14.29 -2.27 5.26
N PHE A 291 -14.21 -2.54 3.98
CA PHE A 291 -13.21 -3.49 3.51
C PHE A 291 -12.71 -3.28 2.15
N LYS A 292 -11.52 -3.91 1.84
CA LYS A 292 -10.80 -3.78 0.53
C LYS A 292 -10.24 -5.17 0.18
N LEU A 293 -10.05 -5.45 -1.08
CA LEU A 293 -9.54 -6.81 -1.44
C LEU A 293 -8.35 -6.74 -2.28
N TYR A 294 -7.72 -7.91 -2.52
CA TYR A 294 -6.53 -7.93 -3.36
C TYR A 294 -6.83 -7.42 -4.69
N ASP A 295 -7.93 -7.87 -5.27
CA ASP A 295 -8.23 -7.57 -6.74
C ASP A 295 -8.99 -6.28 -6.93
N ASN A 296 -9.26 -5.60 -5.85
CA ASN A 296 -10.03 -4.35 -5.91
C ASN A 296 -9.72 -3.41 -4.77
N SER A 297 -9.38 -2.18 -5.09
CA SER A 297 -8.87 -1.28 -4.05
C SER A 297 -9.83 -0.27 -3.67
N ARG A 298 -11.14 -0.53 -3.97
CA ARG A 298 -12.27 0.37 -3.54
C ARG A 298 -12.89 -0.09 -2.38
N ILE A 299 -12.89 0.74 -1.33
CA ILE A 299 -13.46 0.34 -0.04
C ILE A 299 -14.94 0.24 -0.13
N SER A 300 -15.45 -0.98 0.16
CA SER A 300 -16.90 -1.23 0.34
C SER A 300 -17.22 -1.20 1.82
N ALA A 301 -18.40 -0.69 2.16
CA ALA A 301 -18.80 -0.56 3.56
C ALA A 301 -20.27 -1.09 3.89
N VAL A 302 -20.41 -1.80 5.02
CA VAL A 302 -21.74 -2.11 5.61
C VAL A 302 -21.98 -1.34 6.95
N SER A 303 -23.20 -0.86 7.13
CA SER A 303 -23.60 -0.33 8.39
C SER A 303 -24.45 -1.36 9.11
N LEU A 304 -23.95 -1.83 10.23
CA LEU A 304 -24.63 -2.83 11.04
C LEU A 304 -25.98 -2.27 11.60
N MET A 305 -25.94 -0.98 12.01
CA MET A 305 -27.05 -0.32 12.66
C MET A 305 -28.34 -0.25 11.74
N ALA A 306 -28.16 -0.01 10.45
CA ALA A 306 -29.33 0.06 9.53
C ALA A 306 -29.66 -1.30 8.93
N GLU A 307 -29.88 -2.28 9.79
CA GLU A 307 -30.34 -3.56 9.34
C GLU A 307 -31.34 -4.16 10.33
N ASN A 308 -32.05 -5.19 9.88
CA ASN A 308 -32.96 -5.99 10.81
C ASN A 308 -32.14 -6.82 11.82
N LEU A 309 -31.94 -6.26 12.98
CA LEU A 309 -30.98 -6.78 13.92
C LEU A 309 -31.49 -8.08 14.64
N ASN A 310 -32.71 -8.55 14.28
CA ASN A 310 -33.32 -9.27 15.47
C ASN A 310 -33.84 -10.75 15.28
N SER A 311 -33.45 -11.53 14.22
CA SER A 311 -33.66 -11.34 12.84
C SER A 311 -33.31 -12.65 12.24
N GLN A 312 -34.23 -13.23 11.51
CA GLN A 312 -34.27 -14.71 11.31
C GLN A 312 -32.88 -15.31 10.89
N ASP A 313 -32.42 -14.98 9.69
CA ASP A 313 -31.14 -15.54 9.17
C ASP A 313 -29.98 -14.44 9.04
N LEU A 314 -28.77 -14.89 8.75
CA LEU A 314 -27.66 -14.00 8.61
C LEU A 314 -27.82 -13.17 7.41
N ILE A 315 -27.20 -11.98 7.41
CA ILE A 315 -27.14 -11.16 6.21
C ILE A 315 -25.72 -11.15 5.56
N THR A 316 -25.70 -11.19 4.21
CA THR A 316 -24.56 -11.65 3.43
C THR A 316 -24.16 -10.61 2.35
N PHE A 317 -22.85 -10.39 2.22
CA PHE A 317 -22.20 -9.88 0.95
C PHE A 317 -20.76 -10.30 1.09
N GLU A 318 -20.25 -11.18 0.20
CA GLU A 318 -20.44 -11.21 -1.25
C GLU A 318 -19.44 -10.33 -1.98
N TRP A 319 -18.29 -10.97 -2.35
CA TRP A 319 -17.05 -10.26 -2.72
C TRP A 319 -17.04 -9.88 -4.21
N ASP A 320 -16.71 -8.59 -4.48
CA ASP A 320 -16.55 -8.09 -5.85
C ASP A 320 -15.04 -8.15 -6.27
N ARG A 321 -14.57 -9.33 -6.72
CA ARG A 321 -13.12 -9.55 -7.02
C ARG A 321 -12.79 -9.03 -8.34
N LYS A 322 -13.06 -7.75 -8.56
CA LYS A 322 -12.94 -7.16 -9.83
C LYS A 322 -12.63 -5.60 -9.63
N GLN A 323 -11.64 -5.09 -10.31
CA GLN A 323 -11.21 -3.78 -10.04
C GLN A 323 -12.31 -2.72 -10.47
N ASP A 324 -12.75 -1.99 -9.52
CA ASP A 324 -13.84 -1.07 -9.72
C ASP A 324 -13.31 0.25 -10.19
N ILE A 325 -12.82 0.28 -11.44
CA ILE A 325 -12.34 1.52 -12.04
C ILE A 325 -13.47 2.39 -12.52
N LYS A 326 -13.62 3.55 -11.89
CA LYS A 326 -14.47 4.65 -12.39
C LYS A 326 -13.90 5.15 -13.56
N GLN A 327 -14.63 5.11 -14.69
CA GLN A 327 -14.18 5.86 -15.91
C GLN A 327 -14.72 7.22 -15.95
N LEU A 328 -13.82 8.17 -16.06
CA LEU A 328 -14.20 9.54 -16.05
C LEU A 328 -14.73 9.91 -17.38
N ASN A 329 -14.32 9.13 -18.39
CA ASN A 329 -15.00 9.11 -19.72
C ASN A 329 -14.79 7.70 -20.43
N GLN A 330 -15.73 7.36 -21.34
CA GLN A 330 -15.98 5.93 -21.73
C GLN A 330 -14.88 5.31 -22.61
N GLY B 1 9.12 10.41 -6.08
CA GLY B 1 8.48 9.03 -6.02
C GLY B 1 9.22 7.93 -6.68
N SER B 2 8.50 6.89 -7.05
CA SER B 2 9.10 5.64 -7.51
C SER B 2 8.31 5.09 -8.72
N SER B 3 8.97 4.47 -9.64
CA SER B 3 8.28 4.02 -10.80
C SER B 3 8.68 2.66 -11.29
N LEU B 4 7.84 2.10 -12.21
CA LEU B 4 8.30 1.02 -13.09
C LEU B 4 7.28 0.68 -14.18
N SER B 5 7.86 0.08 -15.23
CA SER B 5 7.09 -0.50 -16.29
C SER B 5 7.02 -1.95 -16.04
N ILE B 6 5.87 -2.56 -16.40
CA ILE B 6 5.77 -4.06 -16.56
C ILE B 6 5.20 -4.39 -17.89
N ARG B 7 5.35 -5.66 -18.29
CA ARG B 7 4.71 -6.16 -19.54
C ARG B 7 3.79 -7.29 -19.25
N THR B 8 2.58 -7.26 -19.82
CA THR B 8 1.60 -8.35 -19.57
C THR B 8 1.79 -9.58 -20.59
N THR B 9 0.84 -10.47 -20.59
CA THR B 9 0.91 -11.61 -21.49
C THR B 9 0.07 -11.44 -22.71
N ASP B 10 -0.94 -10.60 -22.65
CA ASP B 10 -1.57 -10.14 -23.87
C ASP B 10 -0.81 -8.94 -24.45
N ASP B 11 0.52 -8.98 -24.34
CA ASP B 11 1.43 -8.12 -25.16
C ASP B 11 1.22 -6.59 -24.96
N LYS B 12 1.16 -6.20 -23.69
CA LYS B 12 0.74 -4.88 -23.33
C LYS B 12 1.73 -4.22 -22.32
N SER B 13 2.26 -3.11 -22.67
CA SER B 13 3.20 -2.43 -21.76
C SER B 13 2.49 -1.49 -20.85
N LEU B 14 2.84 -1.53 -19.57
CA LEU B 14 2.26 -0.66 -18.65
C LEU B 14 3.32 -0.01 -17.73
N PHE B 15 3.11 1.25 -17.43
CA PHE B 15 4.05 2.00 -16.64
C PHE B 15 3.29 2.66 -15.55
N ALA B 16 3.72 2.45 -14.31
CA ALA B 16 3.10 3.17 -13.17
C ALA B 16 4.14 4.05 -12.35
N ARG B 17 3.64 5.09 -11.72
CA ARG B 17 4.49 5.83 -10.76
C ARG B 17 3.71 6.47 -9.61
N THR B 18 4.33 6.48 -8.41
CA THR B 18 3.85 7.31 -7.30
C THR B 18 4.47 8.66 -7.38
N MET B 19 3.71 9.69 -6.97
CA MET B 19 4.32 11.08 -6.79
C MET B 19 4.39 11.46 -5.39
N ASP B 20 5.58 11.75 -4.92
CA ASP B 20 5.77 12.19 -3.52
C ASP B 20 6.06 13.62 -3.45
N PHE B 21 5.22 14.37 -2.79
CA PHE B 21 5.51 15.82 -2.60
C PHE B 21 5.04 16.37 -1.19
N THR B 22 5.50 17.58 -0.83
CA THR B 22 5.19 18.22 0.47
C THR B 22 3.85 18.98 0.47
N MET B 23 3.09 18.91 -0.62
CA MET B 23 1.78 19.61 -0.74
C MET B 23 1.40 19.63 -2.12
N GLU B 24 0.13 19.47 -2.38
CA GLU B 24 -0.35 19.55 -3.73
C GLU B 24 -0.80 20.97 -4.13
N PRO B 25 -0.12 21.51 -5.09
CA PRO B 25 -0.71 22.54 -5.97
C PRO B 25 -1.80 21.89 -6.78
N ASP B 26 -2.66 22.69 -7.44
CA ASP B 26 -3.74 22.12 -8.22
C ASP B 26 -3.22 21.35 -9.38
N SER B 27 -3.51 20.06 -9.36
CA SER B 27 -3.15 19.19 -10.43
C SER B 27 -4.39 18.59 -10.97
N LYS B 28 -4.31 18.05 -12.17
CA LYS B 28 -5.46 17.32 -12.76
C LYS B 28 -4.99 16.40 -13.79
N VAL B 29 -5.90 15.53 -14.26
CA VAL B 29 -5.71 14.87 -15.49
C VAL B 29 -5.86 15.88 -16.59
N ILE B 30 -4.92 15.87 -17.52
CA ILE B 30 -4.94 16.77 -18.69
C ILE B 30 -4.79 15.97 -19.96
N ILE B 31 -5.77 16.09 -20.88
CA ILE B 31 -5.60 15.63 -22.27
C ILE B 31 -5.17 16.75 -23.11
N VAL B 32 -3.89 16.69 -23.60
CA VAL B 32 -3.40 17.67 -24.58
C VAL B 32 -3.59 17.11 -26.04
N PRO B 33 -4.33 17.88 -26.87
CA PRO B 33 -4.69 17.45 -28.24
C PRO B 33 -3.62 17.90 -29.26
N ARG B 34 -3.65 17.32 -30.44
CA ARG B 34 -2.69 17.66 -31.47
C ARG B 34 -2.69 19.14 -31.76
N ASN B 35 -1.55 19.66 -32.07
CA ASN B 35 -1.42 21.02 -32.50
C ASN B 35 -1.85 22.05 -31.40
N TYR B 36 -1.67 21.71 -30.13
CA TYR B 36 -2.00 22.65 -29.05
C TYR B 36 -0.95 23.75 -28.93
N GLY B 37 0.28 23.35 -28.62
CA GLY B 37 1.37 24.28 -28.50
C GLY B 37 1.99 24.19 -27.10
N ILE B 38 3.31 23.93 -27.06
CA ILE B 38 4.01 23.83 -25.83
C ILE B 38 5.34 24.60 -25.92
N ARG B 39 5.47 25.59 -25.05
CA ARG B 39 6.68 26.33 -24.93
C ARG B 39 7.81 25.45 -24.62
N LEU B 40 9.02 25.94 -24.92
CA LEU B 40 10.25 25.31 -24.47
C LEU B 40 10.60 25.93 -23.17
N LEU B 41 10.54 27.29 -23.12
CA LEU B 41 10.88 28.09 -21.91
C LEU B 41 9.72 29.01 -21.50
N GLU B 42 9.65 29.30 -20.21
CA GLU B 42 8.59 30.19 -19.66
C GLU B 42 8.81 31.66 -20.08
N LYS B 43 10.11 32.10 -20.08
CA LYS B 43 10.48 33.53 -20.39
C LYS B 43 10.55 33.83 -21.91
N GLU B 44 10.26 32.83 -22.73
CA GLU B 44 10.40 32.97 -24.24
C GLU B 44 9.16 32.62 -24.91
N ASN B 45 8.92 33.19 -26.08
CA ASN B 45 7.65 33.02 -26.73
C ASN B 45 7.61 31.95 -27.86
N VAL B 46 8.74 31.34 -28.12
CA VAL B 46 8.78 30.20 -29.00
C VAL B 46 7.84 29.14 -28.48
N VAL B 47 6.90 28.71 -29.31
CA VAL B 47 5.92 27.68 -28.92
C VAL B 47 5.88 26.48 -29.96
N ILE B 48 6.79 25.49 -29.80
CA ILE B 48 6.79 24.32 -30.69
C ILE B 48 5.41 23.70 -30.71
N ASN B 49 5.08 23.05 -31.82
CA ASN B 49 3.71 22.56 -32.06
C ASN B 49 3.67 21.02 -31.95
N ASN B 50 2.94 20.53 -30.99
CA ASN B 50 2.83 19.02 -30.75
C ASN B 50 2.21 18.23 -31.91
N SER B 51 3.05 17.36 -32.56
CA SER B 51 2.55 16.38 -33.55
C SER B 51 1.43 15.53 -32.96
N TYR B 52 1.63 15.05 -31.67
CA TYR B 52 0.75 14.05 -31.06
C TYR B 52 -0.04 14.58 -29.90
N ALA B 53 -1.25 14.01 -29.69
CA ALA B 53 -2.06 14.27 -28.47
C ALA B 53 -1.76 13.24 -27.38
N PHE B 54 -1.79 13.68 -26.12
CA PHE B 54 -1.45 12.80 -24.98
C PHE B 54 -2.27 13.12 -23.80
N VAL B 55 -2.09 12.31 -22.73
CA VAL B 55 -2.89 12.39 -21.53
C VAL B 55 -2.07 11.98 -20.38
N GLY B 56 -2.16 12.75 -19.29
CA GLY B 56 -1.46 12.41 -18.05
C GLY B 56 -1.85 13.34 -16.94
N MET B 57 -1.04 13.40 -15.88
CA MET B 57 -1.31 14.30 -14.76
C MET B 57 -0.48 15.53 -14.88
N GLY B 58 -1.06 16.68 -14.65
CA GLY B 58 -0.36 17.91 -14.96
C GLY B 58 -0.86 19.15 -14.31
N SER B 59 -0.15 20.25 -14.54
CA SER B 59 -0.55 21.53 -14.03
C SER B 59 -1.00 22.49 -15.16
N THR B 60 -1.65 23.53 -14.78
CA THR B 60 -2.25 24.38 -15.69
C THR B 60 -2.05 25.84 -15.26
N ASP B 61 -1.25 26.00 -14.20
CA ASP B 61 -0.98 27.28 -13.61
C ASP B 61 0.04 28.09 -14.42
N ILE B 62 0.69 27.46 -15.42
CA ILE B 62 1.64 28.22 -16.29
C ILE B 62 1.27 28.25 -17.75
N THR B 63 1.96 29.06 -18.49
CA THR B 63 1.57 29.37 -19.83
C THR B 63 1.20 28.07 -20.70
N SER B 64 2.04 27.06 -20.66
CA SER B 64 1.74 25.76 -21.31
C SER B 64 1.47 24.65 -20.27
N PRO B 65 0.76 23.63 -20.68
CA PRO B 65 0.48 22.45 -19.78
C PRO B 65 1.74 21.76 -19.37
N VAL B 66 1.85 21.46 -18.08
CA VAL B 66 3.03 20.75 -17.53
C VAL B 66 2.62 19.37 -17.10
N LEU B 67 3.29 18.35 -17.67
CA LEU B 67 2.94 16.94 -17.38
C LEU B 67 3.98 16.29 -16.58
N TYR B 68 3.55 15.57 -15.54
CA TYR B 68 4.47 14.83 -14.67
C TYR B 68 4.70 13.41 -15.21
N ASP B 69 3.78 12.95 -16.03
CA ASP B 69 3.82 11.63 -16.61
C ASP B 69 2.65 11.47 -17.34
N GLY B 70 2.65 10.56 -18.28
CA GLY B 70 1.47 10.29 -19.08
C GLY B 70 1.78 9.39 -20.28
N VAL B 71 0.94 9.51 -21.38
CA VAL B 71 1.10 8.62 -22.59
C VAL B 71 0.43 9.21 -23.80
N ASN B 72 1.21 9.48 -24.84
CA ASN B 72 0.62 10.05 -26.08
C ASN B 72 -0.06 9.05 -26.91
N GLU B 73 -0.70 9.53 -27.93
CA GLU B 73 -1.56 8.71 -28.75
C GLU B 73 -0.77 7.64 -29.56
N LYS B 74 0.56 7.74 -29.57
CA LYS B 74 1.40 6.71 -30.14
C LYS B 74 2.05 5.83 -29.03
N GLY B 75 1.39 5.73 -27.93
CA GLY B 75 1.70 4.70 -26.96
C GLY B 75 3.08 4.85 -26.22
N LEU B 76 3.59 6.08 -26.12
CA LEU B 76 4.83 6.33 -25.41
C LEU B 76 4.54 6.86 -24.09
N MET B 77 5.08 6.18 -23.05
CA MET B 77 4.84 6.52 -21.64
C MET B 77 6.08 7.14 -21.01
N GLY B 78 5.89 8.02 -20.01
CA GLY B 78 7.05 8.65 -19.35
C GLY B 78 6.71 9.37 -18.07
N ALA B 79 7.73 9.68 -17.29
CA ALA B 79 7.55 10.49 -16.17
C ALA B 79 8.83 11.31 -15.81
N MET B 80 8.61 12.44 -15.13
CA MET B 80 9.67 13.14 -14.45
C MET B 80 9.54 12.90 -12.97
N LEU B 81 10.65 12.58 -12.34
CA LEU B 81 10.69 12.34 -10.93
C LEU B 81 11.79 13.23 -10.32
N TYR B 82 11.83 13.37 -9.02
CA TYR B 82 12.87 14.18 -8.38
C TYR B 82 14.15 13.52 -8.54
N TYR B 83 15.21 14.30 -8.48
CA TYR B 83 16.54 13.79 -8.69
C TYR B 83 17.52 14.78 -7.94
N ALA B 84 17.39 14.84 -6.63
CA ALA B 84 18.04 15.88 -5.80
C ALA B 84 19.54 15.76 -5.67
N THR B 85 20.19 16.88 -5.61
CA THR B 85 21.64 16.96 -5.49
C THR B 85 22.45 16.43 -6.65
N PHE B 86 21.83 15.65 -7.53
CA PHE B 86 22.57 15.14 -8.74
C PHE B 86 22.27 15.95 -10.01
N ALA B 87 21.05 16.50 -10.09
CA ALA B 87 20.60 17.16 -11.33
C ALA B 87 21.35 18.47 -11.56
N THR B 88 21.90 18.63 -12.80
CA THR B 88 22.61 19.78 -13.18
C THR B 88 22.03 20.41 -14.47
N TYR B 89 21.83 21.75 -14.43
CA TYR B 89 21.24 22.48 -15.52
C TYR B 89 22.22 23.54 -16.11
N ALA B 90 21.83 24.18 -17.19
CA ALA B 90 22.69 25.16 -17.84
C ALA B 90 22.30 26.59 -17.43
N ASP B 91 23.15 27.53 -17.74
CA ASP B 91 22.72 28.92 -17.79
C ASP B 91 22.27 29.29 -19.25
N GLU B 92 23.07 28.87 -20.22
CA GLU B 92 22.72 29.05 -21.59
C GLU B 92 22.90 27.74 -22.36
N PRO B 93 22.17 27.60 -23.45
CA PRO B 93 22.23 26.40 -24.32
C PRO B 93 23.56 26.18 -24.88
N LYS B 94 24.02 24.95 -24.87
CA LYS B 94 25.23 24.56 -25.63
C LYS B 94 25.04 24.84 -27.11
N LYS B 95 26.16 25.06 -27.83
CA LYS B 95 26.07 25.46 -29.25
C LYS B 95 25.23 24.48 -30.10
N GLY B 96 24.27 25.03 -30.85
CA GLY B 96 23.34 24.23 -31.60
C GLY B 96 22.37 23.43 -30.71
N THR B 97 21.84 24.08 -29.65
CA THR B 97 20.74 23.52 -28.89
C THR B 97 19.74 24.54 -28.58
N ARG B 98 18.47 24.14 -28.62
CA ARG B 98 17.38 24.96 -28.03
C ARG B 98 17.26 24.65 -26.52
N GLY B 99 17.19 25.72 -25.71
CA GLY B 99 17.00 25.57 -24.28
C GLY B 99 15.62 25.22 -23.92
N ILE B 100 15.46 24.58 -22.75
CA ILE B 100 14.17 24.05 -22.32
C ILE B 100 14.04 24.05 -20.76
N ASN B 101 12.83 24.28 -20.29
CA ASN B 101 12.50 24.18 -18.89
C ASN B 101 12.28 22.72 -18.53
N PRO B 102 12.90 22.26 -17.44
CA PRO B 102 12.89 20.83 -17.10
C PRO B 102 11.52 20.32 -16.84
N VAL B 103 10.60 21.25 -16.43
CA VAL B 103 9.27 20.90 -16.14
C VAL B 103 8.48 20.75 -17.40
N TYR B 104 9.10 21.09 -18.49
CA TYR B 104 8.43 21.06 -19.80
C TYR B 104 8.82 19.85 -20.68
N VAL B 105 9.74 18.99 -20.21
CA VAL B 105 10.22 18.04 -21.14
C VAL B 105 9.30 16.94 -21.43
N ILE B 106 8.60 16.48 -20.41
CA ILE B 106 7.62 15.40 -20.60
C ILE B 106 6.55 15.83 -21.58
N SER B 107 6.02 17.01 -21.40
CA SER B 107 5.08 17.55 -22.33
C SER B 107 5.66 17.51 -23.74
N GLN B 108 6.89 17.98 -23.89
CA GLN B 108 7.43 18.14 -25.18
C GLN B 108 7.83 16.79 -25.84
N VAL B 109 8.32 15.83 -25.02
CA VAL B 109 8.58 14.48 -25.51
C VAL B 109 7.27 13.80 -25.86
N LEU B 110 6.30 13.92 -24.97
CA LEU B 110 5.00 13.25 -25.13
C LEU B 110 4.18 13.77 -26.38
N GLY B 111 4.43 15.02 -26.78
CA GLY B 111 3.72 15.63 -27.91
C GLY B 111 4.41 15.40 -29.36
N ASN B 112 5.67 14.95 -29.35
CA ASN B 112 6.43 14.90 -30.51
C ASN B 112 7.24 13.57 -30.80
N CYS B 113 7.15 12.59 -29.92
CA CYS B 113 8.02 11.40 -29.97
C CYS B 113 7.20 10.14 -29.90
N VAL B 114 7.71 9.02 -30.48
CA VAL B 114 6.99 7.73 -30.43
C VAL B 114 7.78 6.55 -29.81
N THR B 115 9.10 6.45 -30.14
CA THR B 115 9.97 5.32 -29.63
C THR B 115 11.08 5.87 -28.72
N VAL B 116 11.82 5.00 -28.07
CA VAL B 116 12.78 5.45 -27.06
C VAL B 116 13.95 6.13 -27.64
N ASP B 117 14.36 5.68 -28.81
CA ASP B 117 15.48 6.30 -29.54
C ASP B 117 15.10 7.58 -30.08
N ASP B 118 13.84 7.76 -30.31
CA ASP B 118 13.30 9.09 -30.75
C ASP B 118 13.58 10.13 -29.71
N VAL B 119 13.42 9.73 -28.42
CA VAL B 119 13.69 10.60 -27.30
C VAL B 119 15.19 10.82 -27.09
N ILE B 120 15.99 9.78 -27.30
CA ILE B 120 17.43 9.93 -27.19
C ILE B 120 17.90 10.96 -28.18
N GLU B 121 17.52 10.75 -29.45
CA GLU B 121 17.93 11.64 -30.56
C GLU B 121 17.34 13.05 -30.40
N LYS B 122 16.16 13.14 -29.85
CA LYS B 122 15.50 14.42 -29.63
C LYS B 122 16.27 15.31 -28.63
N LEU B 123 16.84 14.69 -27.61
CA LEU B 123 17.62 15.43 -26.59
C LEU B 123 19.10 15.50 -26.96
N THR B 124 19.33 15.97 -28.13
CA THR B 124 20.63 16.34 -28.59
C THR B 124 20.47 17.75 -29.11
N SER B 125 19.25 18.09 -29.44
CA SER B 125 18.86 19.42 -29.86
C SER B 125 18.41 20.25 -28.69
N TYR B 126 18.56 19.68 -27.46
CA TYR B 126 18.02 20.27 -26.24
C TYR B 126 19.16 20.55 -25.19
N THR B 127 18.96 21.59 -24.38
CA THR B 127 19.76 21.79 -23.20
C THR B 127 18.91 22.29 -22.03
N LEU B 128 18.74 21.44 -21.02
CA LEU B 128 18.00 21.81 -19.82
C LEU B 128 18.56 23.06 -19.28
N LEU B 129 17.70 24.07 -19.08
CA LEU B 129 18.16 25.36 -18.49
C LEU B 129 17.72 25.56 -17.06
N ASN B 130 18.31 26.55 -16.43
CA ASN B 130 18.04 26.88 -15.07
C ASN B 130 16.87 27.75 -14.92
N GLU B 131 15.77 27.42 -15.56
CA GLU B 131 14.64 28.33 -15.53
C GLU B 131 13.62 28.02 -14.49
N ALA B 132 13.26 29.05 -13.71
CA ALA B 132 12.21 28.97 -12.65
C ALA B 132 10.81 28.84 -13.25
N ASN B 133 9.84 28.37 -12.43
CA ASN B 133 8.46 28.52 -12.72
C ASN B 133 7.69 29.03 -11.48
N ILE B 134 6.57 29.68 -11.72
CA ILE B 134 5.79 30.27 -10.67
C ILE B 134 5.00 29.21 -9.85
N ILE B 135 4.92 27.95 -10.36
CA ILE B 135 4.28 26.82 -9.63
C ILE B 135 5.06 26.47 -8.37
N LEU B 136 6.34 26.14 -8.56
CA LEU B 136 7.21 25.68 -7.43
C LEU B 136 8.12 26.81 -6.88
N GLY B 137 8.58 27.69 -7.76
CA GLY B 137 9.44 28.81 -7.34
C GLY B 137 10.86 28.65 -7.78
N PHE B 138 11.11 27.59 -8.51
CA PHE B 138 12.42 27.24 -8.91
C PHE B 138 12.41 26.07 -9.79
N ALA B 139 13.51 25.87 -10.48
CA ALA B 139 13.70 24.73 -11.34
C ALA B 139 13.98 23.51 -10.50
N PRO B 140 13.05 22.61 -10.46
CA PRO B 140 13.18 21.40 -9.66
C PRO B 140 14.23 20.45 -10.25
N PRO B 141 15.09 19.88 -9.41
CA PRO B 141 16.07 18.86 -9.86
C PRO B 141 15.34 17.58 -10.24
N LEU B 142 15.36 17.21 -11.53
CA LEU B 142 14.53 16.02 -12.05
C LEU B 142 15.34 15.14 -12.82
N HIS B 143 14.89 13.91 -12.99
CA HIS B 143 15.35 13.05 -14.14
C HIS B 143 14.21 12.41 -14.73
N TYR B 144 14.39 11.79 -15.86
CA TYR B 144 13.24 11.33 -16.67
C TYR B 144 13.35 9.84 -17.00
N THR B 145 12.22 9.16 -16.96
CA THR B 145 12.11 7.83 -17.49
C THR B 145 11.13 7.82 -18.58
N PHE B 146 11.35 6.94 -19.55
CA PHE B 146 10.39 6.79 -20.73
C PHE B 146 10.25 5.29 -21.15
N THR B 147 9.10 4.97 -21.70
CA THR B 147 8.74 3.58 -22.04
C THR B 147 7.78 3.56 -23.19
N ASP B 148 8.25 3.09 -24.34
CA ASP B 148 7.38 3.04 -25.56
C ASP B 148 6.52 1.77 -25.60
N ALA B 149 5.68 1.65 -26.62
CA ALA B 149 4.73 0.48 -26.73
C ALA B 149 5.47 -0.94 -26.78
N SER B 150 6.73 -0.93 -27.13
CA SER B 150 7.49 -2.17 -27.28
C SER B 150 7.95 -2.72 -25.97
N GLY B 151 7.99 -1.87 -24.93
CA GLY B 151 8.40 -2.30 -23.60
C GLY B 151 9.77 -1.80 -23.18
N GLU B 152 10.56 -1.36 -24.12
CA GLU B 152 11.88 -0.83 -23.80
C GLU B 152 11.79 0.41 -22.87
N SER B 153 12.85 0.67 -22.11
CA SER B 153 12.82 1.66 -21.07
C SER B 153 14.11 2.37 -20.99
N ILE B 154 14.06 3.65 -20.67
CA ILE B 154 15.29 4.44 -20.61
C ILE B 154 15.30 5.42 -19.43
N VAL B 155 16.48 5.89 -19.11
CA VAL B 155 16.61 6.91 -18.11
C VAL B 155 17.48 8.02 -18.63
N ILE B 156 16.87 9.19 -18.81
CA ILE B 156 17.59 10.40 -19.12
C ILE B 156 17.94 11.10 -17.78
N GLU B 157 19.20 11.33 -17.58
CA GLU B 157 19.64 11.90 -16.35
C GLU B 157 20.61 13.10 -16.56
N PRO B 158 20.20 14.27 -16.12
CA PRO B 158 21.00 15.50 -16.28
C PRO B 158 22.02 15.66 -15.25
N ASP B 159 23.24 15.11 -15.49
CA ASP B 159 24.34 15.10 -14.47
C ASP B 159 25.30 16.31 -14.64
N LYS B 160 26.30 16.40 -13.76
CA LYS B 160 27.26 17.49 -13.77
C LYS B 160 28.15 17.40 -14.98
N THR B 161 28.43 16.17 -15.39
CA THR B 161 29.19 15.88 -16.65
C THR B 161 28.33 16.10 -17.91
N GLY B 162 27.02 16.09 -17.76
CA GLY B 162 26.13 16.29 -18.90
C GLY B 162 24.94 15.28 -18.90
N ILE B 163 24.19 15.22 -19.99
CA ILE B 163 23.06 14.35 -20.06
C ILE B 163 23.46 12.90 -20.25
N THR B 164 23.02 12.05 -19.32
CA THR B 164 23.38 10.65 -19.31
C THR B 164 22.19 9.76 -19.69
N ILE B 165 22.40 8.92 -20.73
CA ILE B 165 21.35 8.06 -21.28
C ILE B 165 21.61 6.70 -20.89
N HIS B 166 20.67 6.06 -20.21
CA HIS B 166 20.81 4.61 -19.95
C HIS B 166 19.82 3.88 -20.70
N ARG B 167 20.28 2.93 -21.55
CA ARG B 167 19.37 2.19 -22.46
C ARG B 167 19.09 0.74 -21.98
N LYS B 168 17.95 0.20 -22.38
CA LYS B 168 17.50 -1.14 -21.93
C LYS B 168 17.61 -1.29 -20.46
N THR B 169 17.23 -0.26 -19.77
CA THR B 169 16.97 -0.29 -18.33
C THR B 169 16.04 -1.51 -17.90
N ILE B 170 16.04 -1.86 -16.59
CA ILE B 170 15.08 -2.81 -16.03
C ILE B 170 13.72 -2.23 -15.95
N GLY B 171 13.61 -0.99 -16.37
CA GLY B 171 12.36 -0.26 -16.19
C GLY B 171 11.90 -0.17 -14.73
N VAL B 172 12.80 0.23 -13.86
CA VAL B 172 12.41 0.82 -12.59
C VAL B 172 13.27 2.01 -12.33
N MET B 173 12.70 3.04 -11.75
CA MET B 173 13.43 4.28 -11.44
C MET B 173 12.88 4.82 -10.29
N THR B 174 13.70 5.43 -9.51
CA THR B 174 13.27 6.01 -8.30
C THR B 174 13.64 7.52 -8.28
N ASN B 175 14.38 7.91 -7.27
CA ASN B 175 15.06 9.19 -7.26
C ASN B 175 16.54 8.96 -7.22
N SER B 176 17.31 9.90 -6.68
CA SER B 176 18.81 9.79 -6.75
C SER B 176 19.31 8.66 -5.80
N PRO B 177 20.51 8.14 -6.08
CA PRO B 177 21.42 8.69 -7.08
C PRO B 177 21.17 8.14 -8.48
N GLY B 178 22.23 8.09 -9.31
CA GLY B 178 22.07 7.76 -10.74
C GLY B 178 21.72 6.30 -11.03
N TYR B 179 21.09 6.08 -12.18
CA TYR B 179 20.60 4.76 -12.51
C TYR B 179 21.74 3.58 -12.38
N GLU B 180 22.94 3.84 -12.83
CA GLU B 180 24.02 2.87 -12.73
C GLU B 180 24.27 2.51 -11.34
N TRP B 181 24.21 3.54 -10.40
CA TRP B 181 24.42 3.29 -8.92
C TRP B 181 23.39 2.40 -8.30
N HIS B 182 22.13 2.64 -8.63
CA HIS B 182 21.04 1.77 -8.16
C HIS B 182 21.17 0.38 -8.83
N GLN B 183 21.50 0.37 -10.09
CA GLN B 183 21.59 -0.85 -10.82
C GLN B 183 22.68 -1.71 -10.26
N THR B 184 23.66 -1.09 -9.60
CA THR B 184 24.69 -1.88 -9.00
C THR B 184 24.43 -2.16 -7.58
N ASN B 185 23.58 -1.37 -6.98
CA ASN B 185 23.11 -1.69 -5.60
C ASN B 185 22.28 -2.98 -5.58
N LEU B 186 21.61 -3.26 -6.69
CA LEU B 186 20.74 -4.51 -6.79
C LEU B 186 21.55 -5.80 -6.45
N ARG B 187 22.73 -5.86 -6.91
CA ARG B 187 23.62 -6.87 -6.56
C ARG B 187 23.74 -7.22 -5.09
N ALA B 188 23.75 -6.19 -4.22
CA ALA B 188 23.95 -6.38 -2.83
C ALA B 188 22.70 -6.94 -2.15
N TYR B 189 21.71 -7.28 -2.93
CA TYR B 189 20.45 -7.74 -2.38
C TYR B 189 19.87 -8.95 -3.11
N ILE B 190 20.69 -9.66 -3.92
CA ILE B 190 20.14 -10.74 -4.75
C ILE B 190 19.61 -11.90 -3.94
N GLY B 191 19.93 -11.90 -2.65
CA GLY B 191 19.42 -12.90 -1.71
C GLY B 191 18.16 -12.43 -0.98
N VAL B 192 17.43 -11.51 -1.60
CA VAL B 192 16.13 -11.20 -1.21
C VAL B 192 15.14 -11.98 -2.10
N THR B 193 14.67 -13.08 -1.57
CA THR B 193 13.80 -14.00 -2.34
C THR B 193 12.54 -14.18 -1.71
N PRO B 194 11.57 -14.84 -2.46
CA PRO B 194 10.27 -15.19 -1.90
C PRO B 194 10.35 -16.46 -1.13
N ASN B 195 11.52 -17.10 -1.13
CA ASN B 195 11.72 -18.43 -0.45
C ASN B 195 12.18 -18.36 1.14
N PRO B 196 11.77 -19.35 1.89
CA PRO B 196 12.15 -19.43 3.28
C PRO B 196 13.58 -19.92 3.48
N PRO B 197 14.25 -19.35 4.45
CA PRO B 197 15.48 -19.87 4.95
C PRO B 197 15.28 -21.25 5.40
N GLN B 198 16.26 -22.11 5.21
CA GLN B 198 16.24 -23.46 5.77
C GLN B 198 16.26 -23.41 7.27
N ASP B 199 15.75 -24.49 7.90
CA ASP B 199 15.79 -24.63 9.35
C ASP B 199 17.21 -24.93 9.76
N ILE B 200 17.61 -24.42 10.97
CA ILE B 200 18.90 -24.75 11.54
C ILE B 200 18.84 -25.19 12.95
N MET B 201 19.99 -25.71 13.45
CA MET B 201 20.18 -26.09 14.88
C MET B 201 21.30 -25.24 15.45
N MET B 202 21.15 -24.77 16.66
CA MET B 202 22.22 -24.10 17.33
C MET B 202 22.53 -24.83 18.58
N GLY B 203 23.39 -25.85 18.46
CA GLY B 203 23.55 -26.83 19.53
C GLY B 203 22.45 -27.81 19.42
N ASP B 204 21.61 -27.89 20.51
CA ASP B 204 20.40 -28.78 20.52
C ASP B 204 19.07 -28.01 20.32
N LEU B 205 19.17 -26.68 20.17
CA LEU B 205 17.98 -25.82 20.01
C LEU B 205 17.60 -25.73 18.56
N ASP B 206 16.32 -25.90 18.23
CA ASP B 206 15.92 -25.86 16.86
C ASP B 206 15.36 -24.51 16.49
N LEU B 207 15.72 -24.03 15.29
CA LEU B 207 15.30 -22.75 14.86
C LEU B 207 14.63 -22.81 13.53
N THR B 208 13.48 -22.18 13.48
CA THR B 208 12.69 -22.08 12.30
C THR B 208 11.99 -20.67 12.47
N PRO B 209 11.60 -20.06 11.37
CA PRO B 209 11.22 -18.67 11.40
C PRO B 209 9.87 -18.40 12.06
N PHE B 210 9.58 -17.12 12.25
CA PHE B 210 8.43 -16.68 13.02
C PHE B 210 7.10 -17.01 12.36
N GLY B 211 7.00 -16.73 11.08
CA GLY B 211 5.95 -17.25 10.27
C GLY B 211 6.42 -17.44 8.82
N GLN B 212 6.67 -16.32 8.15
CA GLN B 212 6.88 -16.29 6.70
C GLN B 212 7.56 -15.02 6.23
N GLY B 213 8.01 -15.06 5.03
CA GLY B 213 8.59 -13.91 4.38
C GLY B 213 9.89 -13.59 4.92
N ALA B 214 10.68 -14.62 5.21
CA ALA B 214 12.04 -14.43 5.81
C ALA B 214 13.08 -14.38 4.78
N GLY B 215 12.75 -14.82 3.58
CA GLY B 215 13.64 -14.73 2.42
C GLY B 215 13.86 -13.32 2.04
N GLY B 216 12.98 -12.45 2.49
CA GLY B 216 13.14 -11.03 2.28
C GLY B 216 14.18 -10.37 3.27
N LEU B 217 14.77 -11.13 4.15
CA LEU B 217 15.57 -10.54 5.16
C LEU B 217 16.68 -9.66 4.57
N GLY B 218 16.72 -8.43 4.99
CA GLY B 218 17.77 -7.54 4.54
C GLY B 218 17.27 -6.46 3.60
N LEU B 219 16.06 -6.58 3.15
CA LEU B 219 15.44 -5.54 2.40
C LEU B 219 15.18 -4.40 3.31
N PRO B 220 15.64 -3.22 2.98
CA PRO B 220 15.39 -2.08 3.85
C PRO B 220 13.99 -1.67 3.65
N GLY B 221 13.47 -0.89 4.60
CA GLY B 221 12.07 -0.62 4.66
C GLY B 221 11.77 0.83 4.80
N ASP B 222 12.76 1.64 4.84
CA ASP B 222 12.56 3.09 4.92
C ASP B 222 12.13 3.67 3.60
N PHE B 223 12.04 5.00 3.53
CA PHE B 223 11.50 5.71 2.32
C PHE B 223 12.59 6.68 1.66
N THR B 224 13.85 6.44 1.96
CA THR B 224 14.89 6.93 1.12
C THR B 224 14.69 6.38 -0.27
N PRO B 225 15.13 7.17 -1.25
CA PRO B 225 15.13 6.79 -2.62
C PRO B 225 15.85 5.39 -2.89
N SER B 226 16.90 5.14 -2.24
CA SER B 226 17.68 3.99 -2.52
C SER B 226 16.98 2.71 -2.02
N ALA B 227 16.23 2.87 -0.99
CA ALA B 227 15.42 1.74 -0.45
C ALA B 227 14.26 1.43 -1.38
N ARG B 228 13.53 2.48 -1.74
CA ARG B 228 12.41 2.40 -2.65
C ARG B 228 12.78 1.67 -3.96
N PHE B 229 13.87 2.04 -4.54
CA PHE B 229 14.34 1.39 -5.74
C PHE B 229 14.41 -0.16 -5.52
N LEU B 230 14.91 -0.55 -4.38
CA LEU B 230 15.11 -1.94 -4.10
C LEU B 230 13.79 -2.66 -3.97
N ARG B 231 12.91 -2.11 -3.15
CA ARG B 231 11.62 -2.65 -2.99
C ARG B 231 10.94 -2.75 -4.32
N VAL B 232 11.04 -1.71 -5.10
CA VAL B 232 10.28 -1.64 -6.27
C VAL B 232 10.76 -2.65 -7.34
N ALA B 233 12.05 -3.00 -7.30
CA ALA B 233 12.66 -3.90 -8.33
C ALA B 233 12.49 -5.39 -7.93
N TYR B 234 12.70 -5.66 -6.69
CA TYR B 234 12.62 -6.98 -6.21
C TYR B 234 11.17 -7.45 -6.12
N TRP B 235 10.28 -6.52 -5.81
CA TRP B 235 8.90 -6.82 -5.83
C TRP B 235 8.33 -6.71 -7.28
N LYS B 236 9.05 -6.02 -8.16
CA LYS B 236 8.70 -6.06 -9.58
C LYS B 236 9.10 -7.40 -10.15
N LYS B 237 10.23 -7.92 -9.70
CA LYS B 237 10.76 -9.13 -10.22
C LYS B 237 9.87 -10.23 -9.92
N TYR B 238 9.40 -10.32 -8.65
CA TYR B 238 8.78 -11.56 -8.17
C TYR B 238 7.23 -11.57 -8.26
N THR B 239 6.61 -10.41 -8.13
CA THR B 239 5.24 -10.33 -8.27
C THR B 239 4.83 -11.14 -9.48
N GLU B 240 3.59 -11.60 -9.49
CA GLU B 240 3.08 -12.49 -10.59
C GLU B 240 2.95 -11.78 -11.91
N LYS B 241 3.39 -12.46 -13.00
CA LYS B 241 3.13 -11.99 -14.37
C LYS B 241 1.68 -11.55 -14.51
N ALA B 242 1.48 -10.28 -14.77
CA ALA B 242 0.18 -9.80 -15.06
C ALA B 242 -0.33 -10.42 -16.39
N LYS B 243 -1.66 -10.64 -16.49
CA LYS B 243 -2.25 -11.30 -17.69
C LYS B 243 -3.08 -10.39 -18.54
N ASN B 244 -3.64 -9.38 -17.95
CA ASN B 244 -4.33 -8.35 -18.74
C ASN B 244 -3.99 -6.95 -18.27
N GLU B 245 -4.52 -6.00 -18.94
CA GLU B 245 -4.26 -4.62 -18.63
C GLU B 245 -4.76 -4.26 -17.20
N THR B 246 -5.95 -4.69 -16.85
CA THR B 246 -6.49 -4.26 -15.63
C THR B 246 -5.77 -4.87 -14.50
N GLU B 247 -5.54 -6.18 -14.58
CA GLU B 247 -4.80 -6.88 -13.50
C GLU B 247 -3.39 -6.50 -13.54
N GLY B 248 -2.99 -5.92 -14.65
CA GLY B 248 -1.71 -5.26 -14.75
C GLY B 248 -1.65 -3.96 -13.94
N VAL B 249 -2.76 -3.22 -13.90
CA VAL B 249 -2.81 -1.97 -13.18
C VAL B 249 -2.80 -2.24 -11.65
N THR B 250 -3.31 -3.39 -11.27
CA THR B 250 -3.37 -3.76 -9.88
C THR B 250 -2.00 -4.11 -9.41
N ASN B 251 -1.34 -5.00 -10.11
CA ASN B 251 0.01 -5.36 -9.73
C ASN B 251 0.87 -4.13 -9.49
N LEU B 252 0.79 -3.17 -10.43
CA LEU B 252 1.60 -1.97 -10.31
C LEU B 252 1.29 -1.24 -8.96
N PHE B 253 -0.01 -1.11 -8.64
CA PHE B 253 -0.43 -0.41 -7.43
C PHE B 253 -0.10 -1.16 -6.16
N HIS B 254 0.05 -2.51 -6.28
CA HIS B 254 0.51 -3.31 -5.19
C HIS B 254 1.97 -3.18 -5.01
N ILE B 255 2.71 -3.28 -6.06
CA ILE B 255 4.15 -3.09 -5.98
C ILE B 255 4.48 -1.73 -5.50
N LEU B 256 3.75 -0.74 -5.96
CA LEU B 256 3.97 0.63 -5.50
C LEU B 256 3.50 0.89 -4.07
N SER B 257 2.61 0.10 -3.60
CA SER B 257 2.09 0.29 -2.26
C SER B 257 3.24 0.14 -1.22
N SER B 258 4.11 -0.87 -1.45
CA SER B 258 5.31 -1.05 -0.65
C SER B 258 6.17 0.25 -0.48
N VAL B 259 5.89 1.25 -1.28
CA VAL B 259 6.71 2.50 -1.28
C VAL B 259 5.81 3.74 -1.29
N ASN B 260 4.56 3.49 -1.05
CA ASN B 260 3.62 4.51 -0.79
C ASN B 260 3.86 5.13 0.65
N ILE B 261 4.12 6.43 0.72
CA ILE B 261 4.44 7.10 2.03
C ILE B 261 3.20 7.77 2.68
N PRO B 262 2.79 7.30 3.83
CA PRO B 262 1.72 7.94 4.58
C PRO B 262 2.15 9.34 5.23
N LYS B 263 1.18 10.21 5.47
CA LYS B 263 1.46 11.58 6.00
C LYS B 263 2.05 11.51 7.33
N GLY B 264 3.19 12.15 7.51
CA GLY B 264 3.80 12.29 8.85
C GLY B 264 5.01 11.37 9.08
N VAL B 265 5.08 10.24 8.37
CA VAL B 265 6.18 9.28 8.56
C VAL B 265 7.50 9.74 7.92
N VAL B 266 7.43 10.69 7.02
CA VAL B 266 8.65 11.32 6.48
C VAL B 266 8.55 12.84 6.55
N LEU B 267 9.48 13.45 7.29
CA LEU B 267 9.55 14.94 7.37
C LEU B 267 10.84 15.52 6.75
N THR B 268 10.80 16.77 6.50
CA THR B 268 11.76 17.43 5.74
C THR B 268 12.72 18.15 6.72
N ASN B 269 13.76 18.82 6.21
CA ASN B 269 14.69 19.57 7.10
C ASN B 269 14.01 20.78 7.68
N GLU B 270 13.07 21.37 6.91
CA GLU B 270 12.25 22.43 7.46
C GLU B 270 11.00 21.83 8.10
N GLY B 271 10.96 20.50 8.16
CA GLY B 271 9.82 19.77 8.76
C GLY B 271 8.53 19.79 7.92
N LYS B 272 8.66 19.88 6.61
CA LYS B 272 7.51 19.70 5.71
C LYS B 272 7.16 18.22 5.62
N THR B 273 5.91 17.90 5.63
CA THR B 273 5.55 16.47 5.51
C THR B 273 5.51 15.97 4.12
N ASP B 274 6.42 15.07 3.78
CA ASP B 274 6.56 14.53 2.41
C ASP B 274 5.73 13.20 2.30
N TYR B 275 4.76 13.18 1.39
CA TYR B 275 3.90 12.04 1.24
C TYR B 275 3.50 11.78 -0.25
N THR B 276 3.04 10.60 -0.51
CA THR B 276 2.60 10.24 -1.81
C THR B 276 1.39 10.89 -2.11
N ILE B 277 1.44 11.87 -3.02
CA ILE B 277 0.24 12.62 -3.44
C ILE B 277 -0.71 11.80 -4.21
N TYR B 278 -0.20 11.14 -5.23
CA TYR B 278 -1.02 10.19 -6.03
C TYR B 278 -0.20 9.09 -6.55
N THR B 279 -0.86 8.07 -7.07
CA THR B 279 -0.22 7.00 -7.84
C THR B 279 -0.94 6.98 -9.10
N SER B 280 -0.21 6.81 -10.21
CA SER B 280 -0.85 6.58 -11.43
C SER B 280 -0.25 5.40 -12.18
N ALA B 281 -1.05 4.85 -13.15
CA ALA B 281 -0.53 3.88 -14.21
C ALA B 281 -1.12 4.22 -15.52
N MET B 282 -0.39 3.91 -16.57
CA MET B 282 -0.84 4.16 -17.86
C MET B 282 -0.44 2.95 -18.75
N CYS B 283 -1.12 2.82 -19.94
CA CYS B 283 -0.87 1.68 -20.86
C CYS B 283 -0.55 2.12 -22.26
N ALA B 284 0.35 1.42 -22.90
CA ALA B 284 0.74 1.81 -24.29
C ALA B 284 -0.31 1.35 -25.34
N GLN B 285 -0.87 0.20 -25.16
CA GLN B 285 -1.72 -0.32 -26.17
C GLN B 285 -3.12 0.29 -26.15
N SER B 286 -3.61 0.67 -24.93
CA SER B 286 -4.98 1.27 -24.82
C SER B 286 -4.95 2.74 -24.74
N LYS B 287 -3.80 3.28 -24.46
CA LYS B 287 -3.66 4.70 -24.21
C LYS B 287 -4.56 5.14 -23.18
N ASN B 288 -4.80 4.25 -22.16
CA ASN B 288 -5.60 4.62 -20.91
C ASN B 288 -4.68 5.01 -19.74
N TYR B 289 -5.01 6.12 -19.05
CA TYR B 289 -4.20 6.62 -17.88
C TYR B 289 -4.99 6.54 -16.73
N TYR B 290 -4.52 5.67 -15.66
CA TYR B 290 -5.27 5.39 -14.40
C TYR B 290 -4.65 6.17 -13.22
N PHE B 291 -5.41 6.39 -12.17
CA PHE B 291 -4.85 7.02 -10.97
C PHE B 291 -5.69 6.85 -9.77
N LYS B 292 -5.05 6.51 -8.61
CA LYS B 292 -5.67 6.79 -7.27
C LYS B 292 -4.99 8.00 -6.61
N LEU B 293 -5.45 8.40 -5.42
CA LEU B 293 -4.81 9.51 -4.70
C LEU B 293 -4.68 9.22 -3.25
N TYR B 294 -4.08 10.15 -2.51
CA TYR B 294 -3.87 9.91 -1.10
C TYR B 294 -5.22 9.66 -0.39
N ASP B 295 -6.22 10.52 -0.68
CA ASP B 295 -7.56 10.42 0.05
C ASP B 295 -8.65 9.53 -0.70
N ASN B 296 -8.29 8.95 -1.77
CA ASN B 296 -9.23 8.17 -2.54
C ASN B 296 -8.53 6.95 -3.13
N SER B 297 -8.68 5.84 -2.51
CA SER B 297 -7.98 4.67 -3.00
C SER B 297 -8.71 4.05 -4.14
N ARG B 298 -9.74 4.76 -4.67
CA ARG B 298 -10.48 4.29 -5.87
C ARG B 298 -9.83 4.75 -7.14
N ILE B 299 -9.65 3.83 -8.10
CA ILE B 299 -9.02 4.16 -9.33
C ILE B 299 -10.00 4.79 -10.27
N SER B 300 -9.59 5.97 -10.87
CA SER B 300 -10.29 6.51 -11.92
C SER B 300 -9.50 6.32 -13.13
N ALA B 301 -10.19 6.06 -14.28
CA ALA B 301 -9.50 5.83 -15.58
C ALA B 301 -9.99 6.83 -16.65
N VAL B 302 -9.07 7.29 -17.51
CA VAL B 302 -9.42 8.16 -18.61
C VAL B 302 -8.96 7.56 -19.88
N SER B 303 -9.86 7.44 -20.83
CA SER B 303 -9.51 7.00 -22.11
C SER B 303 -9.18 8.17 -22.97
N LEU B 304 -8.06 8.06 -23.69
CA LEU B 304 -7.65 9.10 -24.56
C LEU B 304 -8.14 8.79 -26.03
N MET B 305 -8.10 7.49 -26.43
CA MET B 305 -8.59 7.09 -27.73
C MET B 305 -10.13 7.26 -27.81
N ALA B 306 -10.70 7.98 -26.82
CA ALA B 306 -12.03 8.49 -26.96
C ALA B 306 -12.08 9.97 -26.57
N GLU B 307 -11.66 10.81 -27.46
CA GLU B 307 -11.85 12.22 -27.31
C GLU B 307 -11.65 12.98 -28.69
N ASN B 308 -11.92 14.28 -28.66
CA ASN B 308 -11.65 15.18 -29.77
C ASN B 308 -10.15 15.42 -29.89
N LEU B 309 -9.42 14.48 -30.50
CA LEU B 309 -7.95 14.51 -30.50
C LEU B 309 -7.40 15.66 -31.19
N ASN B 310 -8.23 16.32 -32.01
CA ASN B 310 -7.82 17.64 -32.67
C ASN B 310 -8.56 18.84 -32.07
N SER B 311 -8.96 18.71 -30.82
CA SER B 311 -9.69 19.72 -30.15
C SER B 311 -8.90 20.99 -30.05
N GLN B 312 -9.59 22.10 -30.03
CA GLN B 312 -8.97 23.42 -29.88
C GLN B 312 -8.49 23.67 -28.44
N ASP B 313 -9.24 23.05 -27.48
CA ASP B 313 -9.02 23.28 -26.04
C ASP B 313 -8.53 22.02 -25.25
N LEU B 314 -7.92 22.27 -24.10
CA LEU B 314 -7.56 21.21 -23.18
C LEU B 314 -8.80 20.48 -22.72
N ILE B 315 -8.67 19.16 -22.45
CA ILE B 315 -9.68 18.42 -21.75
C ILE B 315 -9.17 17.89 -20.40
N THR B 316 -9.88 18.25 -19.30
CA THR B 316 -9.37 18.10 -17.95
C THR B 316 -10.36 17.51 -17.08
N PHE B 317 -9.86 16.83 -16.00
CA PHE B 317 -10.72 16.16 -15.02
C PHE B 317 -10.22 16.46 -13.57
N GLU B 318 -11.04 17.10 -12.79
CA GLU B 318 -10.63 17.51 -11.44
C GLU B 318 -10.43 16.30 -10.51
N TRP B 319 -9.59 16.48 -9.49
CA TRP B 319 -9.36 15.48 -8.51
C TRP B 319 -10.60 15.25 -7.63
N ASP B 320 -10.95 13.96 -7.48
CA ASP B 320 -11.95 13.53 -6.50
C ASP B 320 -11.24 13.21 -5.07
N ARG B 321 -10.98 14.28 -4.29
CA ARG B 321 -10.28 14.13 -3.03
C ARG B 321 -11.17 13.71 -2.03
N LYS B 322 -12.04 12.77 -2.36
CA LYS B 322 -13.02 12.23 -1.39
C LYS B 322 -13.02 10.72 -1.45
N GLN B 323 -12.83 10.09 -0.31
CA GLN B 323 -12.74 8.66 -0.27
C GLN B 323 -14.05 8.05 -0.75
N ASP B 324 -13.98 7.27 -1.80
CA ASP B 324 -15.17 6.82 -2.53
C ASP B 324 -15.59 5.45 -2.11
N ILE B 325 -16.24 5.38 -0.94
CA ILE B 325 -16.65 4.11 -0.32
C ILE B 325 -18.03 3.67 -0.84
N LYS B 326 -18.11 2.43 -1.34
CA LYS B 326 -19.39 1.82 -1.79
C LYS B 326 -20.23 1.45 -0.65
N GLN B 327 -21.52 1.73 -0.74
CA GLN B 327 -22.48 1.32 0.29
C GLN B 327 -23.18 0.03 -0.14
N LEU B 328 -22.93 -1.05 0.57
CA LEU B 328 -23.44 -2.31 0.17
C LEU B 328 -24.84 -2.48 0.70
N ASN B 329 -25.10 -1.82 1.82
CA ASN B 329 -26.46 -1.56 2.30
C ASN B 329 -26.52 -0.12 2.73
N GLN B 330 -27.73 0.43 2.90
CA GLN B 330 -27.89 1.89 3.14
C GLN B 330 -27.13 2.39 4.42
N VAL B 331 -26.05 3.17 4.21
CA VAL B 331 -25.02 3.43 5.28
C VAL B 331 -25.12 4.91 5.89
#